data_5ECJ
#
_entry.id   5ECJ
#
_cell.length_a   106.812
_cell.length_b   106.812
_cell.length_c   180.830
_cell.angle_alpha   90.00
_cell.angle_beta   90.00
_cell.angle_gamma   90.00
#
_symmetry.space_group_name_H-M   'P 43 21 2'
#
loop_
_entity.id
_entity.type
_entity.pdbx_description
1 polymer 'PR domain zinc finger protein 14,Protein CBFA2T2'
2 polymer 'Monobody Mb(S4)'
#
loop_
_entity_poly.entity_id
_entity_poly.type
_entity_poly.pdbx_seq_one_letter_code
_entity_poly.pdbx_strand_id
1 'polypeptide(L)'
;GSGFNFTEEELSFVLYGAIASPEHPTDLQHAISGILVPTESSGSNHLHKTLDKDSLQLPEGLCLMQTSFGDVPHFGVFCS
DFIAKGVRFGPFRGRVVNASEVKAHRDNSRMWEIFEDGHLSHFIDGKGSGNWMSYVNCARFPKEQNLLAVQHQGQIFYES
CRDIQRNQELLVWYGNGYEKFLGVPMNLRVTEGSSGSSGSLPATCGARQLSKLKRFLTTLQQFGNDISPEIGEKVRTLVL
ALVNSTVTIEEFHCKLQEATNFPLRPFVIPFLKANLPLLQRELLHCARAAKQTPSQYLAQHEKLLLNTS
;
A,B
2 'polypeptide(L)'
;GSVSSVPTKLEVVAATPTSLLISWDAPAVTVDLYFITYGETGGNSPVQKFTVPGSKSTATISGLKPGVDYTITVYAQYYY
RGWYVGSPISINYRT
;
F,E
#
# COMPACT_ATOMS: atom_id res chain seq x y z
N PHE A 4 30.88 2.57 7.78
CA PHE A 4 29.99 3.41 6.97
C PHE A 4 29.03 4.21 7.86
N ASN A 5 28.89 5.50 7.58
CA ASN A 5 27.96 6.34 8.33
C ASN A 5 26.94 7.06 7.45
N PHE A 6 25.93 6.32 6.97
CA PHE A 6 24.87 6.88 6.13
C PHE A 6 23.66 7.32 6.95
N THR A 7 22.98 8.36 6.49
CA THR A 7 21.75 8.78 7.16
C THR A 7 20.54 8.04 6.59
N GLU A 8 19.46 7.97 7.36
CA GLU A 8 18.26 7.29 6.91
C GLU A 8 17.69 7.96 5.68
N GLU A 9 17.85 9.28 5.59
CA GLU A 9 17.35 10.02 4.44
C GLU A 9 18.07 9.65 3.15
N GLU A 10 19.38 9.41 3.21
CA GLU A 10 20.11 9.06 2.00
C GLU A 10 19.83 7.62 1.62
N LEU A 11 19.45 6.80 2.62
CA LEU A 11 19.01 5.45 2.32
C LEU A 11 17.63 5.49 1.67
N SER A 12 16.74 6.30 2.22
CA SER A 12 15.39 6.45 1.67
C SER A 12 15.48 6.94 0.23
N PHE A 13 16.49 7.73 -0.07
CA PHE A 13 16.69 8.25 -1.42
C PHE A 13 16.98 7.14 -2.42
N VAL A 14 17.86 6.21 -2.04
CA VAL A 14 18.27 5.14 -2.93
C VAL A 14 17.18 4.08 -3.07
N LEU A 15 16.38 3.92 -2.02
CA LEU A 15 15.30 2.92 -2.02
C LEU A 15 13.96 3.47 -2.51
N TYR A 16 13.74 4.78 -2.33
CA TYR A 16 12.43 5.34 -2.58
C TYR A 16 12.42 6.61 -3.43
N GLY A 17 13.61 7.16 -3.73
CA GLY A 17 13.69 8.47 -4.34
C GLY A 17 13.67 8.53 -5.86
N ALA A 18 13.81 9.75 -6.39
CA ALA A 18 13.81 10.00 -7.82
C ALA A 18 14.48 11.35 -8.10
N ILE A 19 15.12 11.47 -9.26
CA ILE A 19 15.66 12.76 -9.69
C ILE A 19 14.65 13.52 -10.52
N ALA A 20 14.43 14.78 -10.19
CA ALA A 20 13.51 15.62 -10.96
C ALA A 20 14.23 16.20 -12.17
N SER A 21 13.51 16.32 -13.29
CA SER A 21 14.07 16.91 -14.51
C SER A 21 13.63 18.39 -14.61
N PRO A 22 14.16 19.14 -15.59
CA PRO A 22 13.63 20.50 -15.87
C PRO A 22 12.12 20.54 -16.10
N GLU A 23 11.54 19.42 -16.55
CA GLU A 23 10.08 19.31 -16.69
C GLU A 23 9.40 18.95 -15.36
N HIS A 24 8.23 18.33 -15.48
CA HIS A 24 7.49 17.79 -14.33
C HIS A 24 7.83 16.33 -13.96
N PRO A 25 7.91 15.41 -14.95
CA PRO A 25 8.18 14.01 -14.61
C PRO A 25 9.59 13.75 -14.07
N THR A 26 9.69 12.82 -13.13
CA THR A 26 10.97 12.48 -12.50
C THR A 26 11.48 11.11 -12.96
N ASP A 27 12.80 10.90 -12.89
CA ASP A 27 13.38 9.61 -13.23
C ASP A 27 13.56 8.86 -11.92
N LEU A 28 13.21 7.57 -11.92
CA LEU A 28 13.40 6.75 -10.73
C LEU A 28 14.82 6.23 -10.71
N GLN A 29 15.23 5.61 -9.61
CA GLN A 29 16.62 5.19 -9.48
C GLN A 29 16.88 3.70 -9.61
N HIS A 30 17.31 3.32 -10.80
CA HIS A 30 18.04 2.09 -11.00
C HIS A 30 19.33 2.55 -11.65
N ALA A 31 20.03 3.40 -10.88
CA ALA A 31 21.16 4.18 -11.35
C ALA A 31 22.32 3.28 -11.67
N ILE A 32 22.24 2.65 -12.84
CA ILE A 32 23.30 1.76 -13.29
C ILE A 32 24.54 2.58 -13.58
N SER A 33 25.53 1.94 -14.21
CA SER A 33 26.78 2.61 -14.53
C SER A 33 27.36 3.29 -13.29
N GLY A 34 27.46 2.52 -12.21
CA GLY A 34 28.13 2.99 -11.01
C GLY A 34 29.61 3.07 -11.29
N ILE A 35 30.09 4.27 -11.63
CA ILE A 35 31.48 4.52 -12.00
C ILE A 35 31.90 3.65 -13.18
N SER A 55 17.65 2.53 -33.68
CA SER A 55 17.68 1.07 -33.53
C SER A 55 17.00 0.60 -32.23
N LEU A 56 16.36 1.55 -31.55
CA LEU A 56 15.62 1.27 -30.32
C LEU A 56 14.40 0.42 -30.63
N GLN A 57 13.80 0.67 -31.79
CA GLN A 57 12.58 0.00 -32.25
C GLN A 57 11.47 0.24 -31.22
N LEU A 58 11.64 1.30 -30.45
CA LEU A 58 10.67 1.77 -29.47
C LEU A 58 9.28 1.92 -30.07
N PRO A 59 8.25 1.38 -29.39
CA PRO A 59 6.91 1.38 -29.96
C PRO A 59 6.24 2.74 -29.85
N GLU A 60 5.11 2.91 -30.53
CA GLU A 60 4.33 4.13 -30.40
C GLU A 60 3.91 4.37 -28.95
N GLY A 61 3.80 5.63 -28.57
CA GLY A 61 3.30 5.98 -27.24
C GLY A 61 4.38 5.96 -26.18
N LEU A 62 5.60 5.62 -26.58
CA LEU A 62 6.71 5.52 -25.63
C LEU A 62 7.86 6.44 -26.02
N CYS A 63 8.79 6.66 -25.09
CA CYS A 63 9.95 7.51 -25.37
C CYS A 63 11.11 7.21 -24.43
N LEU A 64 12.33 7.40 -24.92
CA LEU A 64 13.54 7.20 -24.11
C LEU A 64 14.00 8.53 -23.52
N MET A 65 14.19 8.57 -22.20
CA MET A 65 14.46 9.83 -21.51
C MET A 65 15.74 9.85 -20.68
N GLN A 66 16.70 10.62 -21.14
CA GLN A 66 17.97 10.78 -20.44
C GLN A 66 17.87 11.87 -19.37
N THR A 67 18.58 11.65 -18.28
CA THR A 67 18.80 12.65 -17.25
C THR A 67 20.25 12.48 -16.84
N SER A 68 20.77 13.38 -16.01
CA SER A 68 22.16 13.27 -15.58
C SER A 68 22.28 13.06 -14.09
N PHE A 69 23.16 12.13 -13.70
CA PHE A 69 23.42 11.84 -12.30
C PHE A 69 24.90 11.55 -12.08
N GLY A 70 25.58 12.47 -11.40
CA GLY A 70 27.02 12.36 -11.21
C GLY A 70 27.79 12.50 -12.51
N ASP A 71 27.25 13.30 -13.43
CA ASP A 71 27.81 13.48 -14.77
C ASP A 71 27.86 12.16 -15.53
N VAL A 72 27.05 11.21 -15.07
CA VAL A 72 26.95 9.91 -15.72
C VAL A 72 25.57 9.83 -16.35
N PRO A 73 25.52 9.56 -17.66
CA PRO A 73 24.23 9.52 -18.34
C PRO A 73 23.37 8.37 -17.80
N HIS A 74 22.08 8.65 -17.60
CA HIS A 74 21.15 7.65 -17.08
C HIS A 74 19.80 7.73 -17.78
N PHE A 75 19.40 6.63 -18.42
CA PHE A 75 18.16 6.61 -19.21
C PHE A 75 17.00 5.93 -18.50
N GLY A 76 15.80 6.18 -19.02
CA GLY A 76 14.59 5.55 -18.54
C GLY A 76 13.58 5.55 -19.66
N VAL A 77 12.66 4.60 -19.64
CA VAL A 77 11.61 4.55 -20.66
C VAL A 77 10.35 5.17 -20.08
N PHE A 78 9.85 6.20 -20.76
CA PHE A 78 8.66 6.88 -20.25
C PHE A 78 7.50 6.74 -21.21
N CYS A 79 6.30 6.95 -20.67
CA CYS A 79 5.07 6.90 -21.42
C CYS A 79 4.72 8.30 -21.92
N SER A 80 4.83 8.51 -23.22
CA SER A 80 4.55 9.82 -23.81
C SER A 80 3.04 10.07 -23.86
N ASP A 81 2.27 9.03 -24.13
CA ASP A 81 0.83 9.16 -24.26
C ASP A 81 0.06 8.40 -23.19
N PHE A 82 -0.36 7.18 -23.53
CA PHE A 82 -1.14 6.38 -22.61
C PHE A 82 -0.94 4.88 -22.85
N ILE A 83 -0.90 4.11 -21.75
CA ILE A 83 -0.84 2.65 -21.79
C ILE A 83 -1.90 2.05 -20.87
N ALA A 84 -2.87 1.34 -21.46
CA ALA A 84 -3.92 0.69 -20.68
C ALA A 84 -3.36 -0.49 -19.93
N LYS A 85 -3.97 -0.81 -18.79
CA LYS A 85 -3.59 -2.00 -18.01
C LYS A 85 -3.87 -3.28 -18.79
N GLY A 86 -2.86 -4.13 -18.91
CA GLY A 86 -3.02 -5.37 -19.60
C GLY A 86 -2.40 -5.36 -20.98
N VAL A 87 -1.70 -4.28 -21.29
CA VAL A 87 -0.99 -4.23 -22.57
C VAL A 87 0.35 -4.93 -22.39
N ARG A 88 0.73 -5.71 -23.39
CA ARG A 88 1.96 -6.49 -23.27
C ARG A 88 3.02 -6.16 -24.32
N PHE A 89 4.19 -5.75 -23.84
CA PHE A 89 5.33 -5.52 -24.72
C PHE A 89 6.33 -6.67 -24.61
N GLY A 90 7.14 -6.86 -25.65
CA GLY A 90 8.14 -7.91 -25.68
C GLY A 90 8.18 -8.55 -27.06
N PRO A 91 9.08 -9.53 -27.26
CA PRO A 91 9.94 -10.15 -26.26
C PRO A 91 11.24 -9.43 -26.01
N PHE A 92 11.73 -9.51 -24.78
CA PHE A 92 13.04 -9.00 -24.40
C PHE A 92 14.12 -9.55 -25.32
N ARG A 93 15.11 -8.73 -25.66
CA ARG A 93 16.12 -9.18 -26.59
C ARG A 93 17.52 -8.97 -26.04
N GLY A 94 18.42 -9.89 -26.37
CA GLY A 94 19.78 -9.81 -25.88
C GLY A 94 20.62 -11.06 -26.06
N ARG A 95 21.84 -11.00 -25.53
CA ARG A 95 22.77 -12.12 -25.56
C ARG A 95 22.20 -13.27 -24.76
N VAL A 96 22.66 -14.48 -25.05
CA VAL A 96 22.31 -15.65 -24.26
C VAL A 96 23.45 -16.02 -23.35
N VAL A 97 23.31 -15.71 -22.06
CA VAL A 97 24.37 -16.02 -21.13
C VAL A 97 24.11 -17.35 -20.43
N ASN A 98 25.05 -18.29 -20.61
CA ASN A 98 24.95 -19.59 -19.96
C ASN A 98 25.16 -19.40 -18.47
N ALA A 99 24.44 -20.19 -17.67
CA ALA A 99 24.38 -19.97 -16.23
C ALA A 99 25.74 -20.00 -15.52
N SER A 100 26.73 -20.62 -16.14
CA SER A 100 28.04 -20.79 -15.50
C SER A 100 28.97 -19.59 -15.67
N GLU A 101 28.74 -18.78 -16.70
CA GLU A 101 29.66 -17.70 -17.01
C GLU A 101 29.23 -16.34 -16.46
N VAL A 102 28.21 -16.31 -15.63
CA VAL A 102 27.81 -15.07 -14.97
C VAL A 102 28.64 -14.88 -13.70
N LYS A 103 29.49 -13.86 -13.71
CA LYS A 103 30.44 -13.62 -12.63
C LYS A 103 29.74 -13.19 -11.35
N ALA A 104 30.40 -13.42 -10.22
CA ALA A 104 29.85 -13.04 -8.92
C ALA A 104 30.24 -11.62 -8.54
N HIS A 105 29.65 -11.14 -7.44
CA HIS A 105 29.87 -9.78 -6.94
C HIS A 105 29.48 -8.72 -7.97
N ARG A 106 28.71 -9.10 -8.98
CA ARG A 106 28.28 -8.18 -10.02
C ARG A 106 26.76 -8.01 -9.99
N ASP A 107 26.28 -6.88 -10.52
CA ASP A 107 24.85 -6.54 -10.50
C ASP A 107 24.03 -7.30 -11.55
N ASN A 108 24.52 -7.31 -12.79
CA ASN A 108 23.78 -7.82 -13.94
C ASN A 108 22.43 -7.12 -14.09
N SER A 109 22.47 -5.80 -14.25
CA SER A 109 21.30 -4.93 -14.24
C SER A 109 20.28 -5.32 -15.27
N ARG A 110 20.74 -5.88 -16.39
CA ARG A 110 19.86 -6.09 -17.54
C ARG A 110 19.71 -7.55 -18.01
N MET A 111 19.81 -8.49 -17.08
CA MET A 111 19.60 -9.91 -17.38
C MET A 111 18.23 -10.38 -16.91
N TRP A 112 17.67 -11.35 -17.61
CA TRP A 112 16.50 -12.04 -17.11
C TRP A 112 16.81 -13.53 -17.02
N GLU A 113 16.24 -14.17 -16.01
CA GLU A 113 16.36 -15.60 -15.86
C GLU A 113 15.41 -16.33 -16.80
N ILE A 114 15.95 -17.24 -17.60
CA ILE A 114 15.08 -18.03 -18.47
C ILE A 114 14.95 -19.47 -17.95
N PHE A 115 13.71 -19.87 -17.66
CA PHE A 115 13.44 -21.20 -17.14
C PHE A 115 13.00 -22.12 -18.25
N GLU A 116 13.35 -23.40 -18.11
CA GLU A 116 12.78 -24.43 -18.96
C GLU A 116 12.50 -25.63 -18.06
N ASP A 117 11.28 -26.15 -18.14
CA ASP A 117 10.88 -27.34 -17.39
C ASP A 117 11.09 -27.23 -15.87
N GLY A 118 10.84 -26.05 -15.31
CA GLY A 118 10.92 -25.85 -13.88
C GLY A 118 12.27 -25.43 -13.35
N HIS A 119 13.30 -25.45 -14.19
CA HIS A 119 14.65 -25.09 -13.74
C HIS A 119 15.31 -23.97 -14.56
N LEU A 120 16.31 -23.33 -13.95
CA LEU A 120 17.08 -22.30 -14.64
C LEU A 120 17.80 -22.90 -15.84
N SER A 121 17.53 -22.34 -17.01
CA SER A 121 18.17 -22.77 -18.24
C SER A 121 19.39 -21.91 -18.51
N HIS A 122 19.13 -20.65 -18.84
CA HIS A 122 20.16 -19.69 -19.13
C HIS A 122 19.66 -18.32 -18.74
N PHE A 123 20.54 -17.33 -18.76
CA PHE A 123 20.09 -15.96 -18.64
C PHE A 123 20.00 -15.36 -20.04
N ILE A 124 19.21 -14.29 -20.17
CA ILE A 124 19.22 -13.50 -21.39
C ILE A 124 19.65 -12.07 -21.05
N ASP A 125 20.82 -11.68 -21.57
CA ASP A 125 21.43 -10.41 -21.23
C ASP A 125 21.08 -9.32 -22.23
N GLY A 126 20.29 -8.35 -21.79
CA GLY A 126 19.89 -7.26 -22.66
C GLY A 126 20.89 -6.13 -22.80
N LYS A 127 21.98 -6.19 -22.03
CA LYS A 127 22.98 -5.13 -22.01
C LYS A 127 23.64 -4.98 -23.38
N GLY A 128 23.56 -3.78 -23.95
CA GLY A 128 24.16 -3.52 -25.24
C GLY A 128 23.36 -4.08 -26.41
N SER A 129 22.09 -4.41 -26.17
CA SER A 129 21.25 -4.95 -27.23
C SER A 129 20.79 -3.83 -28.13
N GLY A 130 20.51 -2.68 -27.52
CA GLY A 130 20.00 -1.52 -28.23
C GLY A 130 18.50 -1.59 -28.45
N ASN A 131 17.87 -2.68 -28.02
CA ASN A 131 16.43 -2.74 -28.05
C ASN A 131 15.89 -1.97 -26.85
N TRP A 132 14.77 -1.29 -27.05
CA TRP A 132 14.28 -0.33 -26.10
C TRP A 132 13.95 -0.91 -24.74
N MET A 133 13.57 -2.18 -24.70
CA MET A 133 13.15 -2.85 -23.45
C MET A 133 14.28 -2.96 -22.43
N SER A 134 15.53 -2.94 -22.90
CA SER A 134 16.66 -3.04 -21.98
C SER A 134 16.89 -1.73 -21.22
N TYR A 135 16.09 -0.71 -21.50
CA TYR A 135 16.26 0.56 -20.82
C TYR A 135 15.19 0.77 -19.77
N VAL A 136 14.22 -0.14 -19.73
CA VAL A 136 13.20 -0.10 -18.70
C VAL A 136 13.80 -0.56 -17.37
N ASN A 137 13.86 0.36 -16.42
CA ASN A 137 14.43 0.12 -15.11
C ASN A 137 13.50 -0.73 -14.26
N CYS A 138 13.97 -1.18 -13.09
CA CYS A 138 13.16 -2.06 -12.26
C CYS A 138 12.35 -1.30 -11.22
N ALA A 139 11.26 -1.88 -10.78
CA ALA A 139 10.51 -1.32 -9.67
C ALA A 139 11.18 -1.68 -8.34
N ARG A 140 11.30 -0.71 -7.45
CA ARG A 140 11.95 -0.94 -6.17
C ARG A 140 10.91 -1.20 -5.09
N PHE A 141 9.66 -0.93 -5.43
CA PHE A 141 8.52 -1.16 -4.55
C PHE A 141 7.26 -1.05 -5.40
N PRO A 142 6.14 -1.61 -4.93
CA PRO A 142 4.98 -1.68 -5.83
C PRO A 142 4.36 -0.34 -6.26
N LYS A 143 4.37 0.70 -5.43
CA LYS A 143 3.66 1.93 -5.82
C LYS A 143 4.24 2.55 -7.09
N GLU A 144 5.53 2.36 -7.31
CA GLU A 144 6.15 2.92 -8.50
C GLU A 144 6.20 1.91 -9.65
N GLN A 145 5.55 0.76 -9.47
CA GLN A 145 5.59 -0.30 -10.46
C GLN A 145 4.37 -0.34 -11.37
N ASN A 146 4.58 -0.25 -12.68
CA ASN A 146 3.45 -0.38 -13.61
C ASN A 146 3.64 -1.51 -14.62
N LEU A 147 4.76 -2.23 -14.53
CA LEU A 147 4.99 -3.35 -15.42
C LEU A 147 5.19 -4.68 -14.66
N LEU A 148 4.85 -5.80 -15.32
CA LEU A 148 5.07 -7.15 -14.79
C LEU A 148 5.95 -7.92 -15.74
N ALA A 149 7.05 -8.46 -15.24
CA ALA A 149 7.86 -9.37 -16.04
C ALA A 149 7.20 -10.76 -16.12
N VAL A 150 7.01 -11.27 -17.34
CA VAL A 150 6.31 -12.52 -17.58
C VAL A 150 7.06 -13.38 -18.59
N GLN A 151 7.31 -14.62 -18.24
CA GLN A 151 7.98 -15.55 -19.15
C GLN A 151 6.96 -16.38 -19.94
N HIS A 152 7.02 -16.32 -21.26
CA HIS A 152 6.19 -17.21 -22.08
C HIS A 152 7.04 -17.80 -23.21
N GLN A 153 6.75 -19.05 -23.58
CA GLN A 153 7.67 -19.83 -24.40
C GLN A 153 9.05 -19.69 -23.80
N GLY A 154 10.01 -19.22 -24.58
CA GLY A 154 11.35 -19.06 -24.06
C GLY A 154 11.74 -17.66 -23.66
N GLN A 155 10.82 -16.71 -23.82
CA GLN A 155 11.18 -15.30 -23.77
C GLN A 155 10.47 -14.51 -22.68
N ILE A 156 10.95 -13.28 -22.46
CA ILE A 156 10.42 -12.39 -21.44
C ILE A 156 9.54 -11.27 -22.02
N PHE A 157 8.36 -11.07 -21.44
CA PHE A 157 7.49 -9.97 -21.84
C PHE A 157 7.23 -9.07 -20.64
N TYR A 158 6.94 -7.78 -20.91
CA TYR A 158 6.49 -6.84 -19.89
C TYR A 158 5.01 -6.57 -20.11
N GLU A 159 4.22 -6.69 -19.05
CA GLU A 159 2.78 -6.42 -19.15
C GLU A 159 2.40 -5.32 -18.17
N SER A 160 1.64 -4.34 -18.64
CA SER A 160 1.19 -3.28 -17.75
C SER A 160 0.25 -3.86 -16.68
N CYS A 161 0.52 -3.52 -15.41
CA CYS A 161 -0.36 -3.94 -14.32
C CYS A 161 -1.25 -2.80 -13.85
N ARG A 162 -1.05 -1.63 -14.44
CA ARG A 162 -1.78 -0.43 -14.08
C ARG A 162 -2.01 0.39 -15.34
N ASP A 163 -3.01 1.26 -15.32
CA ASP A 163 -3.08 2.28 -16.36
C ASP A 163 -1.83 3.14 -16.23
N ILE A 164 -1.08 3.29 -17.32
CA ILE A 164 0.08 4.18 -17.30
C ILE A 164 -0.23 5.54 -17.93
N GLN A 165 -0.06 6.59 -17.13
CA GLN A 165 -0.39 7.94 -17.57
C GLN A 165 0.82 8.64 -18.17
N ARG A 166 0.56 9.71 -18.92
CA ARG A 166 1.61 10.50 -19.54
C ARG A 166 2.65 10.98 -18.53
N ASN A 167 3.92 10.91 -18.92
CA ASN A 167 5.07 11.34 -18.14
C ASN A 167 5.45 10.42 -17.00
N GLN A 168 4.67 9.36 -16.80
CA GLN A 168 5.00 8.37 -15.78
C GLN A 168 6.04 7.42 -16.33
N GLU A 169 7.05 7.09 -15.54
CA GLU A 169 8.10 6.17 -15.97
C GLU A 169 7.69 4.69 -15.91
N LEU A 170 8.09 3.92 -16.92
CA LEU A 170 7.84 2.49 -16.97
C LEU A 170 8.85 1.74 -16.10
N LEU A 171 8.36 1.00 -15.09
CA LEU A 171 9.21 0.30 -14.15
C LEU A 171 8.71 -1.14 -13.91
N VAL A 172 9.59 -2.12 -14.12
CA VAL A 172 9.18 -3.52 -14.10
C VAL A 172 9.67 -4.29 -12.88
N TRP A 173 8.88 -5.27 -12.41
CA TRP A 173 9.40 -6.28 -11.50
C TRP A 173 8.82 -7.67 -11.82
N TYR A 174 9.48 -8.71 -11.31
CA TYR A 174 9.05 -10.10 -11.52
C TYR A 174 7.59 -10.32 -11.14
N GLY A 175 6.75 -10.67 -12.11
CA GLY A 175 5.35 -10.82 -11.83
C GLY A 175 5.07 -12.00 -10.94
N ASN A 176 3.79 -12.25 -10.66
CA ASN A 176 3.41 -13.56 -10.15
C ASN A 176 3.73 -14.55 -11.25
N GLY A 177 3.68 -15.82 -10.95
CA GLY A 177 4.17 -16.81 -11.89
C GLY A 177 5.66 -16.96 -11.61
N TYR A 178 6.20 -16.01 -10.84
CA TYR A 178 7.48 -16.17 -10.18
C TYR A 178 7.24 -16.38 -8.68
N GLU A 179 7.68 -17.51 -8.15
CA GLU A 179 7.60 -17.74 -6.71
C GLU A 179 8.59 -16.80 -6.02
N LYS A 180 8.09 -15.91 -5.18
CA LYS A 180 8.94 -14.90 -4.59
C LYS A 180 8.90 -15.02 -3.08
N PHE A 181 9.98 -14.57 -2.45
CA PHE A 181 9.99 -14.45 -1.01
C PHE A 181 10.36 -13.03 -0.66
N LEU A 182 9.39 -12.30 -0.10
CA LEU A 182 9.62 -10.93 0.32
C LEU A 182 10.22 -10.11 -0.82
N GLY A 183 9.73 -10.32 -2.03
CA GLY A 183 10.22 -9.57 -3.17
C GLY A 183 11.20 -10.32 -4.06
N VAL A 184 12.09 -11.10 -3.47
CA VAL A 184 13.07 -11.84 -4.26
C VAL A 184 12.49 -13.11 -4.88
N PRO A 185 12.66 -13.29 -6.19
CA PRO A 185 12.15 -14.48 -6.89
C PRO A 185 13.06 -15.70 -6.77
N MET A 186 12.44 -16.83 -6.45
CA MET A 186 13.12 -18.10 -6.20
C MET A 186 12.82 -19.15 -7.26
N ASN A 187 11.67 -19.04 -7.90
CA ASN A 187 11.27 -20.09 -8.83
C ASN A 187 10.21 -19.59 -9.78
N LEU A 188 9.88 -20.43 -10.76
CA LEU A 188 8.82 -20.13 -11.70
C LEU A 188 7.58 -20.84 -11.19
N ARG A 189 6.73 -20.09 -10.49
CA ARG A 189 5.51 -20.59 -9.87
C ARG A 189 4.81 -21.64 -10.73
N VAL A 190 4.44 -22.74 -10.09
CA VAL A 190 3.97 -23.93 -10.81
C VAL A 190 2.48 -23.89 -11.19
N THR A 191 2.18 -24.45 -12.35
CA THR A 191 0.80 -24.58 -12.83
C THR A 191 0.01 -25.56 -11.97
N SER A 197 5.37 -29.87 -10.84
CA SER A 197 6.11 -29.55 -9.63
C SER A 197 7.61 -29.84 -9.79
N SER A 198 8.44 -28.94 -9.27
CA SER A 198 9.89 -29.05 -9.37
C SER A 198 10.50 -28.41 -8.13
N GLY A 199 11.80 -28.54 -7.93
CA GLY A 199 12.39 -27.98 -6.73
C GLY A 199 13.87 -27.71 -6.72
N SER A 200 14.19 -26.45 -6.99
CA SER A 200 15.55 -25.92 -6.92
C SER A 200 15.46 -24.39 -6.90
N LEU A 201 16.34 -23.74 -6.17
CA LEU A 201 16.33 -22.28 -6.11
C LEU A 201 17.41 -21.77 -7.07
N PRO A 202 17.27 -20.53 -7.60
CA PRO A 202 18.38 -19.99 -8.39
C PRO A 202 19.50 -19.65 -7.43
N ALA A 203 20.75 -19.82 -7.85
CA ALA A 203 21.84 -19.60 -6.93
C ALA A 203 21.87 -18.12 -6.56
N THR A 204 22.46 -17.81 -5.42
CA THR A 204 22.41 -16.46 -4.87
C THR A 204 23.10 -15.44 -5.79
N CYS A 205 24.04 -15.89 -6.61
CA CYS A 205 24.72 -15.04 -7.58
C CYS A 205 24.05 -15.13 -8.95
N GLY A 206 23.30 -14.10 -9.31
CA GLY A 206 22.53 -14.11 -10.55
C GLY A 206 22.18 -12.77 -11.17
N ALA A 207 20.99 -12.69 -11.73
CA ALA A 207 20.54 -11.53 -12.49
C ALA A 207 19.89 -10.45 -11.62
N ARG A 208 20.03 -9.19 -12.05
CA ARG A 208 19.38 -8.04 -11.41
C ARG A 208 19.53 -8.05 -9.88
N GLN A 209 20.76 -8.17 -9.40
CA GLN A 209 21.00 -8.37 -7.97
C GLN A 209 20.73 -7.14 -7.11
N LEU A 210 21.18 -5.96 -7.57
CA LEU A 210 20.98 -4.74 -6.80
C LEU A 210 19.49 -4.37 -6.71
N SER A 211 18.79 -4.58 -7.82
CA SER A 211 17.36 -4.35 -7.87
C SER A 211 16.63 -5.33 -6.95
N LYS A 212 17.10 -6.58 -6.93
CA LYS A 212 16.51 -7.59 -6.04
C LYS A 212 16.75 -7.19 -4.59
N LEU A 213 17.94 -6.66 -4.32
CA LEU A 213 18.28 -6.28 -2.95
C LEU A 213 17.40 -5.13 -2.49
N LYS A 214 17.24 -4.13 -3.34
CA LYS A 214 16.39 -3.00 -2.99
C LYS A 214 14.96 -3.46 -2.74
N ARG A 215 14.45 -4.27 -3.67
CA ARG A 215 13.10 -4.79 -3.59
C ARG A 215 12.93 -5.64 -2.33
N PHE A 216 14.00 -6.31 -1.92
CA PHE A 216 13.93 -7.10 -0.69
C PHE A 216 13.82 -6.21 0.54
N LEU A 217 14.63 -5.14 0.56
CA LEU A 217 14.68 -4.24 1.70
C LEU A 217 13.38 -3.45 1.89
N THR A 218 12.82 -2.96 0.78
CA THR A 218 11.58 -2.21 0.84
C THR A 218 10.43 -3.12 1.26
N THR A 219 10.40 -4.31 0.66
CA THR A 219 9.37 -5.28 0.97
C THR A 219 9.49 -5.70 2.42
N LEU A 220 10.72 -5.84 2.88
CA LEU A 220 11.00 -6.17 4.27
C LEU A 220 10.45 -5.08 5.19
N GLN A 221 10.73 -3.82 4.86
CA GLN A 221 10.21 -2.71 5.64
C GLN A 221 8.68 -2.72 5.72
N GLN A 222 8.02 -2.92 4.58
CA GLN A 222 6.55 -2.93 4.55
C GLN A 222 5.99 -4.11 5.33
N PHE A 223 6.69 -5.23 5.26
CA PHE A 223 6.31 -6.45 5.98
C PHE A 223 6.27 -6.18 7.48
N GLY A 224 7.30 -5.49 7.96
CA GLY A 224 7.35 -5.10 9.36
C GLY A 224 6.21 -4.20 9.79
N ASN A 225 5.95 -3.17 9.01
CA ASN A 225 4.91 -2.20 9.35
C ASN A 225 3.53 -2.82 9.44
N ASP A 226 3.28 -3.84 8.60
CA ASP A 226 1.99 -4.51 8.61
C ASP A 226 1.76 -5.30 9.89
N ILE A 227 2.83 -5.82 10.48
CA ILE A 227 2.70 -6.51 11.75
C ILE A 227 2.41 -5.51 12.85
N SER A 228 3.29 -4.51 12.94
CA SER A 228 3.23 -3.55 14.04
C SER A 228 4.07 -2.30 13.76
N PRO A 229 3.56 -1.13 14.20
CA PRO A 229 4.31 0.14 14.15
C PRO A 229 5.64 0.02 14.88
N GLU A 230 5.62 -0.48 16.12
CA GLU A 230 6.85 -0.63 16.89
C GLU A 230 7.80 -1.63 16.24
N ILE A 231 7.25 -2.72 15.70
CA ILE A 231 8.05 -3.72 15.02
C ILE A 231 8.61 -3.16 13.71
N GLY A 232 7.80 -2.43 12.96
CA GLY A 232 8.28 -1.81 11.72
C GLY A 232 9.40 -0.81 11.97
N GLU A 233 9.32 -0.08 13.08
CA GLU A 233 10.34 0.91 13.40
C GLU A 233 11.63 0.21 13.81
N LYS A 234 11.49 -0.94 14.45
CA LYS A 234 12.64 -1.76 14.82
C LYS A 234 13.39 -2.22 13.57
N VAL A 235 12.63 -2.65 12.56
CA VAL A 235 13.22 -3.11 11.30
C VAL A 235 13.92 -1.93 10.58
N ARG A 236 13.25 -0.78 10.56
CA ARG A 236 13.79 0.42 9.92
C ARG A 236 15.17 0.77 10.42
N THR A 237 15.37 0.69 11.73
CA THR A 237 16.66 1.00 12.33
C THR A 237 17.64 -0.14 12.12
N LEU A 238 17.11 -1.37 12.17
CA LEU A 238 17.89 -2.58 12.00
C LEU A 238 18.45 -2.72 10.58
N VAL A 239 17.68 -2.27 9.60
CA VAL A 239 18.12 -2.34 8.20
C VAL A 239 19.18 -1.27 7.93
N LEU A 240 18.93 -0.07 8.41
CA LEU A 240 19.88 1.02 8.30
C LEU A 240 21.22 0.67 8.96
N ALA A 241 21.16 0.05 10.13
CA ALA A 241 22.37 -0.37 10.81
C ALA A 241 23.11 -1.46 10.02
N LEU A 242 22.35 -2.28 9.29
CA LEU A 242 22.93 -3.32 8.43
C LEU A 242 23.61 -2.71 7.21
N VAL A 243 22.96 -1.71 6.63
CA VAL A 243 23.48 -1.05 5.44
C VAL A 243 24.75 -0.30 5.81
N ASN A 244 24.82 0.13 7.08
CA ASN A 244 25.99 0.85 7.57
C ASN A 244 27.06 -0.07 8.14
N SER A 245 26.86 -1.38 7.98
CA SER A 245 27.81 -2.41 8.42
C SER A 245 28.13 -2.31 9.91
N THR A 246 27.31 -1.56 10.63
CA THR A 246 27.37 -1.48 12.09
C THR A 246 27.15 -2.87 12.68
N VAL A 247 26.30 -3.63 12.00
CA VAL A 247 25.96 -4.98 12.39
C VAL A 247 26.24 -5.95 11.24
N THR A 248 26.88 -7.08 11.54
CA THR A 248 27.14 -8.08 10.52
C THR A 248 25.85 -8.80 10.10
N ILE A 249 25.87 -9.38 8.92
CA ILE A 249 24.67 -9.97 8.32
C ILE A 249 24.02 -11.07 9.18
N GLU A 250 24.86 -11.92 9.76
CA GLU A 250 24.38 -13.00 10.63
C GLU A 250 23.88 -12.43 11.93
N GLU A 251 24.49 -11.33 12.36
CA GLU A 251 24.02 -10.58 13.52
C GLU A 251 22.66 -9.96 13.19
N PHE A 252 22.57 -9.35 12.02
CA PHE A 252 21.34 -8.77 11.50
C PHE A 252 20.24 -9.82 11.40
N HIS A 253 20.57 -10.94 10.75
CA HIS A 253 19.65 -12.05 10.56
C HIS A 253 19.02 -12.52 11.85
N CYS A 254 19.86 -12.69 12.86
CA CYS A 254 19.40 -13.18 14.15
C CYS A 254 18.49 -12.15 14.79
N LYS A 255 18.99 -10.92 14.91
CA LYS A 255 18.25 -9.86 15.57
C LYS A 255 16.95 -9.55 14.85
N LEU A 256 16.95 -9.68 13.53
CA LEU A 256 15.75 -9.43 12.73
C LEU A 256 14.73 -10.51 13.08
N GLN A 257 15.15 -11.77 13.01
CA GLN A 257 14.26 -12.88 13.37
C GLN A 257 13.78 -12.76 14.81
N GLU A 258 14.61 -12.20 15.68
CA GLU A 258 14.21 -11.97 17.07
C GLU A 258 13.12 -10.90 17.15
N ALA A 259 13.31 -9.82 16.40
CA ALA A 259 12.48 -8.63 16.51
C ALA A 259 11.16 -8.77 15.78
N THR A 260 11.15 -9.58 14.73
CA THR A 260 9.98 -9.69 13.88
C THR A 260 9.22 -11.00 14.18
N ASN A 261 9.90 -11.90 14.89
CA ASN A 261 9.39 -13.22 15.27
C ASN A 261 9.00 -14.04 14.04
N PHE A 262 9.75 -13.86 12.96
CA PHE A 262 9.47 -14.49 11.68
C PHE A 262 10.76 -14.96 11.01
N PRO A 263 10.83 -16.25 10.66
CA PRO A 263 12.00 -16.87 10.04
C PRO A 263 12.22 -16.51 8.57
N LEU A 264 13.41 -15.99 8.25
CA LEU A 264 13.81 -15.78 6.86
C LEU A 264 14.23 -17.10 6.23
N ARG A 265 14.14 -17.16 4.90
CA ARG A 265 14.64 -18.32 4.17
C ARG A 265 16.16 -18.36 4.20
N PRO A 266 16.74 -19.57 4.12
CA PRO A 266 18.20 -19.73 4.18
C PRO A 266 18.95 -18.96 3.10
N PHE A 267 18.33 -18.68 1.96
CA PHE A 267 19.04 -18.00 0.89
C PHE A 267 19.45 -16.56 1.24
N VAL A 268 18.80 -15.99 2.25
CA VAL A 268 18.95 -14.56 2.55
C VAL A 268 20.37 -14.17 2.98
N ILE A 269 20.99 -14.94 3.87
CA ILE A 269 22.34 -14.59 4.33
C ILE A 269 23.37 -14.56 3.19
N PRO A 270 23.46 -15.64 2.39
CA PRO A 270 24.42 -15.54 1.29
C PRO A 270 24.03 -14.46 0.28
N PHE A 271 22.72 -14.26 0.10
CA PHE A 271 22.21 -13.21 -0.77
C PHE A 271 22.65 -11.83 -0.31
N LEU A 272 22.64 -11.63 1.00
CA LEU A 272 23.05 -10.35 1.55
C LEU A 272 24.56 -10.20 1.48
N LYS A 273 25.30 -11.29 1.71
CA LYS A 273 26.76 -11.22 1.69
C LYS A 273 27.23 -10.87 0.28
N ALA A 274 26.49 -11.34 -0.72
CA ALA A 274 26.88 -11.16 -2.10
C ALA A 274 26.52 -9.78 -2.62
N ASN A 275 25.38 -9.27 -2.15
CA ASN A 275 24.76 -8.12 -2.79
C ASN A 275 24.67 -6.85 -1.97
N LEU A 276 24.84 -6.96 -0.66
CA LEU A 276 24.89 -5.78 0.19
C LEU A 276 25.98 -4.78 -0.22
N PRO A 277 27.21 -5.26 -0.55
CA PRO A 277 28.22 -4.30 -1.00
C PRO A 277 27.91 -3.57 -2.33
N LEU A 278 26.84 -3.95 -3.01
CA LEU A 278 26.39 -3.22 -4.20
C LEU A 278 25.56 -2.00 -3.82
N LEU A 279 24.71 -2.16 -2.81
CA LEU A 279 23.89 -1.06 -2.34
C LEU A 279 24.75 0.00 -1.66
N GLN A 280 25.75 -0.46 -0.93
CA GLN A 280 26.69 0.43 -0.24
C GLN A 280 27.49 1.24 -1.25
N ARG A 281 27.98 0.58 -2.29
CA ARG A 281 28.75 1.24 -3.34
C ARG A 281 27.95 2.31 -4.06
N GLU A 282 26.67 2.03 -4.29
CA GLU A 282 25.81 2.99 -4.97
C GLU A 282 25.44 4.13 -4.04
N LEU A 283 25.10 3.78 -2.80
CA LEU A 283 24.73 4.76 -1.78
C LEU A 283 25.84 5.77 -1.58
N LEU A 284 27.07 5.26 -1.55
CA LEU A 284 28.26 6.05 -1.38
C LEU A 284 28.45 7.01 -2.56
N HIS A 285 28.05 6.55 -3.74
CA HIS A 285 28.20 7.30 -4.98
C HIS A 285 27.19 8.42 -5.06
N CYS A 286 27.40 9.48 -4.28
CA CYS A 286 26.53 10.64 -4.30
C CYS A 286 27.29 11.96 -4.38
N ALA A 287 26.92 12.79 -5.35
CA ALA A 287 27.53 14.12 -5.51
C ALA A 287 26.96 15.09 -4.49
N ARG A 288 27.72 16.13 -4.18
CA ARG A 288 27.32 17.09 -3.17
C ARG A 288 27.04 18.48 -3.78
N ALA A 289 25.76 18.75 -4.03
CA ALA A 289 25.30 20.03 -4.55
C ALA A 289 25.96 20.41 -5.88
N ALA A 290 26.89 21.35 -5.82
CA ALA A 290 27.55 21.86 -7.03
C ALA A 290 28.65 20.91 -7.50
N VAL B 3 -5.65 37.49 1.86
CA VAL B 3 -5.33 36.21 1.23
C VAL B 3 -4.17 35.54 1.98
N SER B 4 -3.66 36.25 2.99
CA SER B 4 -2.55 35.76 3.79
C SER B 4 -3.05 35.01 5.01
N SER B 5 -2.30 33.97 5.40
CA SER B 5 -2.73 33.05 6.43
C SER B 5 -1.76 32.98 7.58
N VAL B 6 -0.48 33.18 7.28
CA VAL B 6 0.57 33.07 8.28
C VAL B 6 0.40 34.07 9.41
N PRO B 7 0.51 33.62 10.67
CA PRO B 7 0.43 34.59 11.78
C PRO B 7 1.72 35.39 11.86
N THR B 8 1.77 36.42 12.69
CA THR B 8 2.97 37.25 12.74
C THR B 8 3.29 37.74 14.14
N LYS B 9 4.53 38.20 14.29
CA LYS B 9 5.03 38.73 15.56
C LYS B 9 4.87 37.74 16.71
N LEU B 10 5.43 36.55 16.55
CA LEU B 10 5.44 35.58 17.66
C LEU B 10 6.51 36.01 18.66
N GLU B 11 6.04 36.32 19.86
CA GLU B 11 6.88 36.88 20.91
C GLU B 11 6.66 36.12 22.21
N VAL B 12 7.69 36.07 23.05
CA VAL B 12 7.57 35.43 24.34
C VAL B 12 7.47 36.63 25.27
N VAL B 13 6.48 36.60 26.17
CA VAL B 13 6.09 37.79 26.91
C VAL B 13 6.43 37.72 28.38
N ALA B 14 6.56 36.51 28.90
CA ALA B 14 7.04 36.30 30.25
C ALA B 14 7.49 34.88 30.40
N ALA B 15 8.62 34.69 31.05
CA ALA B 15 9.14 33.37 31.28
C ALA B 15 9.31 33.15 32.77
N THR B 16 9.06 31.93 33.21
CA THR B 16 9.47 31.49 34.53
C THR B 16 10.59 30.52 34.19
N PRO B 17 11.45 30.19 35.16
CA PRO B 17 12.55 29.28 34.83
C PRO B 17 12.13 27.98 34.13
N THR B 18 10.84 27.64 34.19
CA THR B 18 10.36 26.41 33.56
C THR B 18 9.11 26.60 32.69
N SER B 19 8.63 27.83 32.55
CA SER B 19 7.39 28.07 31.80
C SER B 19 7.38 29.36 30.98
N LEU B 20 6.76 29.31 29.80
CA LEU B 20 6.70 30.47 28.92
C LEU B 20 5.26 30.91 28.63
N LEU B 21 5.04 32.22 28.58
CA LEU B 21 3.80 32.75 28.06
C LEU B 21 4.08 33.48 26.75
N ILE B 22 3.57 32.95 25.65
CA ILE B 22 3.82 33.54 24.34
C ILE B 22 2.59 34.19 23.73
N SER B 23 2.82 35.17 22.87
CA SER B 23 1.76 35.89 22.20
C SER B 23 2.12 36.08 20.73
N TRP B 24 1.10 36.21 19.90
CA TRP B 24 1.28 36.48 18.49
C TRP B 24 0.11 37.30 18.02
N ASP B 25 0.15 37.72 16.76
CA ASP B 25 -0.98 38.44 16.21
C ASP B 25 -1.64 37.69 15.07
N ALA B 26 -2.97 37.71 15.09
CA ALA B 26 -3.80 36.99 14.13
C ALA B 26 -3.46 37.35 12.68
N PRO B 27 -3.74 36.44 11.74
CA PRO B 27 -3.53 36.75 10.33
C PRO B 27 -4.76 37.40 9.72
N ALA B 28 -4.65 37.83 8.46
CA ALA B 28 -5.74 38.47 7.73
C ALA B 28 -7.00 37.63 7.83
N VAL B 29 -6.88 36.38 7.41
CA VAL B 29 -8.00 35.44 7.40
C VAL B 29 -8.54 35.22 8.82
N THR B 30 -9.80 34.80 8.91
CA THR B 30 -10.41 34.41 10.17
C THR B 30 -10.02 32.97 10.49
N VAL B 31 -9.46 32.78 11.69
CA VAL B 31 -8.81 31.52 12.07
C VAL B 31 -9.63 30.64 13.03
N ASP B 32 -9.58 29.33 12.83
CA ASP B 32 -10.27 28.38 13.71
C ASP B 32 -9.39 27.95 14.89
N LEU B 33 -8.25 27.32 14.59
CA LEU B 33 -7.28 26.91 15.59
C LEU B 33 -5.92 27.51 15.31
N TYR B 34 -5.17 27.73 16.38
CA TYR B 34 -3.74 27.91 16.25
C TYR B 34 -3.06 26.64 16.75
N PHE B 35 -2.23 26.04 15.92
CA PHE B 35 -1.34 24.98 16.38
C PHE B 35 -0.11 25.61 17.00
N ILE B 36 0.27 25.16 18.19
CA ILE B 36 1.54 25.55 18.77
C ILE B 36 2.43 24.29 18.89
N THR B 37 3.69 24.41 18.51
CA THR B 37 4.59 23.28 18.58
C THR B 37 5.90 23.72 19.21
N TYR B 38 6.41 22.97 20.17
CA TYR B 38 7.68 23.34 20.81
C TYR B 38 8.60 22.13 21.01
N GLY B 39 9.91 22.37 20.98
CA GLY B 39 10.87 21.30 21.13
C GLY B 39 12.32 21.78 21.15
N GLU B 40 13.19 20.98 21.75
CA GLU B 40 14.60 21.34 21.91
C GLU B 40 15.20 21.59 20.53
N THR B 41 15.87 22.72 20.38
CA THR B 41 16.53 23.03 19.12
C THR B 41 17.57 21.96 18.80
N GLY B 42 17.55 21.47 17.57
CA GLY B 42 18.48 20.45 17.13
C GLY B 42 18.49 19.17 17.95
N GLY B 43 17.31 18.74 18.41
CA GLY B 43 17.21 17.51 19.18
C GLY B 43 16.45 16.44 18.41
N ASN B 44 16.89 15.19 18.56
CA ASN B 44 16.23 14.06 17.90
C ASN B 44 14.89 13.69 18.55
N SER B 45 14.65 14.25 19.74
CA SER B 45 13.38 14.08 20.43
C SER B 45 12.26 14.65 19.56
N PRO B 46 11.06 14.06 19.65
CA PRO B 46 9.94 14.58 18.87
C PRO B 46 9.52 15.96 19.34
N VAL B 47 8.75 16.65 18.49
CA VAL B 47 8.24 17.97 18.79
C VAL B 47 6.85 17.83 19.39
N GLN B 48 6.60 18.49 20.52
CA GLN B 48 5.31 18.41 21.18
C GLN B 48 4.39 19.44 20.54
N LYS B 49 3.09 19.16 20.49
CA LYS B 49 2.16 20.06 19.83
C LYS B 49 0.77 20.08 20.45
N PHE B 50 0.29 21.28 20.72
CA PHE B 50 -1.07 21.47 21.21
C PHE B 50 -1.84 22.55 20.44
N THR B 51 -3.02 22.88 20.92
CA THR B 51 -3.90 23.79 20.22
C THR B 51 -4.44 24.90 21.12
N VAL B 52 -4.62 26.08 20.55
CA VAL B 52 -5.39 27.12 21.21
C VAL B 52 -6.46 27.60 20.22
N PRO B 53 -7.68 27.88 20.71
CA PRO B 53 -8.75 28.29 19.79
C PRO B 53 -8.49 29.67 19.14
N GLY B 54 -9.19 29.95 18.05
CA GLY B 54 -9.02 31.19 17.32
C GLY B 54 -9.30 32.42 18.15
N SER B 55 -10.11 32.26 19.20
CA SER B 55 -10.40 33.35 20.12
C SER B 55 -9.12 33.89 20.73
N LYS B 56 -8.22 33.00 21.11
CA LYS B 56 -6.99 33.38 21.78
C LYS B 56 -5.84 33.59 20.81
N SER B 57 -5.00 34.57 21.11
CA SER B 57 -3.82 34.86 20.31
C SER B 57 -2.61 34.80 21.23
N THR B 58 -2.76 34.08 22.33
CA THR B 58 -1.69 33.89 23.29
C THR B 58 -1.80 32.49 23.89
N ALA B 59 -0.66 31.88 24.22
CA ALA B 59 -0.68 30.55 24.84
C ALA B 59 0.43 30.39 25.87
N THR B 60 0.30 29.40 26.74
CA THR B 60 1.34 29.15 27.74
C THR B 60 1.95 27.75 27.63
N ILE B 61 3.26 27.72 27.44
CA ILE B 61 4.04 26.48 27.37
C ILE B 61 4.74 26.22 28.70
N SER B 62 4.72 24.97 29.15
CA SER B 62 5.25 24.63 30.47
C SER B 62 6.04 23.34 30.51
N GLY B 63 6.77 23.15 31.61
CA GLY B 63 7.53 21.94 31.85
C GLY B 63 8.81 21.83 31.03
N LEU B 64 9.38 22.98 30.71
CA LEU B 64 10.62 23.02 29.96
C LEU B 64 11.84 22.87 30.88
N LYS B 65 12.94 22.36 30.33
CA LYS B 65 14.20 22.25 31.08
C LYS B 65 14.91 23.59 31.18
N PRO B 66 15.32 23.98 32.40
CA PRO B 66 16.08 25.22 32.60
C PRO B 66 17.47 25.15 31.96
N GLY B 67 17.78 26.14 31.13
CA GLY B 67 19.08 26.22 30.48
C GLY B 67 19.05 25.91 28.99
N VAL B 68 18.29 24.90 28.59
CA VAL B 68 18.19 24.52 27.17
C VAL B 68 17.30 25.50 26.38
N ASP B 69 17.70 25.80 25.13
CA ASP B 69 16.90 26.66 24.26
C ASP B 69 15.95 25.86 23.37
N TYR B 70 14.74 26.39 23.20
CA TYR B 70 13.69 25.70 22.45
C TYR B 70 13.33 26.39 21.13
N THR B 71 12.78 25.64 20.18
CA THR B 71 12.15 26.23 19.00
C THR B 71 10.62 26.19 19.07
N ILE B 72 10.02 27.36 19.25
CA ILE B 72 8.57 27.54 19.29
C ILE B 72 7.98 27.92 17.93
N THR B 73 6.83 27.35 17.61
CA THR B 73 6.21 27.57 16.31
C THR B 73 4.70 27.72 16.40
N VAL B 74 4.16 28.64 15.62
CA VAL B 74 2.70 28.84 15.55
C VAL B 74 2.21 28.84 14.10
N TYR B 75 1.09 28.16 13.83
CA TYR B 75 0.46 28.27 12.53
C TYR B 75 -1.05 28.03 12.62
N ALA B 76 -1.79 28.60 11.67
CA ALA B 76 -3.24 28.65 11.74
C ALA B 76 -3.91 27.63 10.83
N GLN B 77 -5.04 27.10 11.28
CA GLN B 77 -5.90 26.34 10.37
C GLN B 77 -7.18 27.15 10.15
N TYR B 78 -7.53 27.36 8.89
CA TYR B 78 -8.65 28.23 8.54
C TYR B 78 -9.54 27.60 7.49
N TYR B 79 -10.65 28.24 7.18
CA TYR B 79 -11.48 27.83 6.07
C TYR B 79 -11.62 28.92 5.00
N TYR B 80 -11.29 28.56 3.76
CA TYR B 80 -11.52 29.41 2.59
C TYR B 80 -11.67 28.53 1.36
N ARG B 81 -12.90 28.15 1.05
CA ARG B 81 -13.19 27.23 -0.05
C ARG B 81 -12.37 25.97 0.11
N GLY B 82 -12.45 25.39 1.31
CA GLY B 82 -11.64 24.24 1.69
C GLY B 82 -10.88 24.46 2.99
N TRP B 83 -10.67 23.38 3.73
CA TRP B 83 -9.86 23.42 4.95
C TRP B 83 -8.36 23.36 4.65
N TYR B 84 -7.64 24.37 5.13
CA TYR B 84 -6.21 24.48 4.91
C TYR B 84 -5.50 24.69 6.22
N VAL B 85 -4.26 24.24 6.31
CA VAL B 85 -3.42 24.62 7.45
C VAL B 85 -2.34 25.56 6.93
N GLY B 86 -2.18 26.69 7.62
CA GLY B 86 -1.33 27.77 7.16
C GLY B 86 0.16 27.54 7.26
N SER B 87 0.91 28.62 7.08
CA SER B 87 2.36 28.60 7.20
C SER B 87 2.80 29.09 8.57
N PRO B 88 3.99 28.67 9.01
CA PRO B 88 4.40 28.93 10.40
C PRO B 88 5.26 30.16 10.62
N ILE B 89 5.20 30.71 11.84
CA ILE B 89 6.20 31.67 12.29
C ILE B 89 7.00 30.96 13.39
N SER B 90 8.29 31.24 13.50
CA SER B 90 9.13 30.54 14.47
C SER B 90 9.93 31.47 15.38
N ILE B 91 10.35 30.94 16.52
CA ILE B 91 11.13 31.68 17.50
C ILE B 91 12.07 30.73 18.23
N ASN B 92 13.21 31.24 18.70
CA ASN B 92 14.09 30.51 19.59
C ASN B 92 14.15 31.19 20.97
N TYR B 93 14.27 30.41 22.03
CA TYR B 93 14.29 30.98 23.38
C TYR B 93 15.08 30.13 24.36
N ARG B 94 16.04 30.75 25.03
CA ARG B 94 16.86 30.07 26.02
C ARG B 94 16.34 30.38 27.41
N THR B 95 15.96 29.34 28.13
CA THR B 95 15.36 29.48 29.45
C THR B 95 16.30 30.10 30.47
N PHE C 4 -23.73 -20.82 4.71
CA PHE C 4 -22.31 -20.62 4.89
C PHE C 4 -21.57 -20.72 3.55
N ASN C 5 -22.23 -20.22 2.49
CA ASN C 5 -21.66 -20.23 1.15
C ASN C 5 -21.54 -18.83 0.56
N PHE C 6 -20.53 -18.09 1.00
CA PHE C 6 -20.26 -16.75 0.49
C PHE C 6 -19.21 -16.81 -0.61
N THR C 7 -19.29 -15.92 -1.59
CA THR C 7 -18.27 -15.82 -2.63
C THR C 7 -17.15 -14.88 -2.18
N GLU C 8 -15.97 -15.03 -2.79
CA GLU C 8 -14.86 -14.15 -2.46
C GLU C 8 -15.19 -12.71 -2.85
N GLU C 9 -15.96 -12.54 -3.93
CA GLU C 9 -16.39 -11.21 -4.36
C GLU C 9 -17.31 -10.58 -3.31
N GLU C 10 -18.15 -11.41 -2.70
CA GLU C 10 -19.11 -10.91 -1.72
C GLU C 10 -18.39 -10.56 -0.42
N LEU C 11 -17.29 -11.24 -0.14
CA LEU C 11 -16.44 -10.92 0.99
C LEU C 11 -15.61 -9.68 0.71
N SER C 12 -15.07 -9.62 -0.51
CA SER C 12 -14.25 -8.50 -0.96
C SER C 12 -15.04 -7.19 -0.93
N PHE C 13 -16.34 -7.31 -1.21
CA PHE C 13 -17.23 -6.15 -1.22
C PHE C 13 -17.31 -5.52 0.15
N VAL C 14 -17.42 -6.35 1.18
CA VAL C 14 -17.57 -5.86 2.54
C VAL C 14 -16.26 -5.32 3.10
N LEU C 15 -15.15 -5.90 2.64
CA LEU C 15 -13.84 -5.52 3.15
C LEU C 15 -13.21 -4.38 2.34
N TYR C 16 -13.60 -4.27 1.07
CA TYR C 16 -12.97 -3.32 0.15
C TYR C 16 -13.93 -2.51 -0.73
N GLY C 17 -15.21 -2.88 -0.76
CA GLY C 17 -16.13 -2.33 -1.74
C GLY C 17 -16.91 -1.09 -1.37
N ALA C 18 -17.80 -0.67 -2.26
CA ALA C 18 -18.64 0.50 -2.03
C ALA C 18 -19.88 0.47 -2.92
N ILE C 19 -20.99 1.01 -2.41
CA ILE C 19 -22.23 1.16 -3.17
C ILE C 19 -22.25 2.49 -3.91
N ALA C 20 -22.61 2.46 -5.19
CA ALA C 20 -22.70 3.68 -6.00
C ALA C 20 -24.01 4.42 -5.79
N SER C 21 -23.93 5.75 -5.81
CA SER C 21 -25.11 6.60 -5.64
C SER C 21 -25.61 7.09 -7.01
N PRO C 22 -26.80 7.73 -7.06
CA PRO C 22 -27.25 8.39 -8.29
C PRO C 22 -26.24 9.40 -8.85
N GLU C 23 -25.40 9.96 -7.98
CA GLU C 23 -24.32 10.85 -8.40
C GLU C 23 -23.09 10.06 -8.86
N HIS C 24 -21.93 10.70 -8.82
CA HIS C 24 -20.67 10.00 -9.07
C HIS C 24 -19.98 9.42 -7.82
N PRO C 25 -19.87 10.21 -6.72
CA PRO C 25 -19.17 9.65 -5.57
C PRO C 25 -19.89 8.50 -4.87
N THR C 26 -19.12 7.53 -4.41
CA THR C 26 -19.65 6.36 -3.73
C THR C 26 -19.32 6.44 -2.24
N ASP C 27 -20.16 5.84 -1.40
CA ASP C 27 -19.91 5.76 0.04
C ASP C 27 -19.39 4.38 0.46
N LEU C 28 -18.46 4.38 1.43
CA LEU C 28 -17.89 3.15 1.96
C LEU C 28 -18.81 2.50 3.01
N GLN C 29 -18.43 1.31 3.48
CA GLN C 29 -19.28 0.50 4.35
C GLN C 29 -18.92 0.40 5.83
N HIS C 30 -19.62 1.17 6.66
CA HIS C 30 -19.72 0.88 8.10
C HIS C 30 -21.19 0.85 8.52
N ALA C 31 -21.89 -0.16 7.99
CA ALA C 31 -23.36 -0.26 8.02
C ALA C 31 -23.96 -0.44 9.41
N ILE C 32 -25.17 0.09 9.58
CA ILE C 32 -25.89 0.05 10.85
C ILE C 32 -26.38 -1.35 11.24
N SER C 33 -27.15 -2.00 10.36
CA SER C 33 -27.68 -3.32 10.67
C SER C 33 -26.99 -4.40 9.84
N LYS C 53 -31.61 18.32 12.68
CA LYS C 53 -31.57 18.94 14.01
C LYS C 53 -30.38 19.91 14.11
N ASP C 54 -30.37 20.70 15.18
CA ASP C 54 -29.31 21.68 15.40
C ASP C 54 -28.09 21.05 16.08
N SER C 55 -28.30 19.93 16.78
CA SER C 55 -27.22 19.31 17.52
C SER C 55 -26.19 18.61 16.61
N LEU C 56 -26.38 18.70 15.30
CA LEU C 56 -25.42 18.12 14.37
C LEU C 56 -24.14 18.94 14.31
N GLN C 57 -24.30 20.27 14.23
CA GLN C 57 -23.17 21.19 14.25
C GLN C 57 -22.05 20.87 13.24
N LEU C 58 -22.41 20.18 12.16
CA LEU C 58 -21.49 19.84 11.07
C LEU C 58 -20.72 21.06 10.56
N PRO C 59 -19.38 20.94 10.40
CA PRO C 59 -18.55 22.08 10.03
C PRO C 59 -18.62 22.43 8.54
N GLU C 60 -18.15 23.62 8.19
CA GLU C 60 -18.07 24.06 6.80
C GLU C 60 -17.14 23.16 5.99
N GLY C 61 -17.45 23.00 4.71
CA GLY C 61 -16.62 22.21 3.81
C GLY C 61 -16.93 20.73 3.86
N LEU C 62 -17.89 20.38 4.72
CA LEU C 62 -18.32 18.99 4.89
C LEU C 62 -19.82 18.88 4.63
N CYS C 63 -20.30 17.66 4.44
CA CYS C 63 -21.73 17.41 4.22
C CYS C 63 -22.09 15.99 4.66
N LEU C 64 -23.30 15.83 5.17
CA LEU C 64 -23.80 14.53 5.58
C LEU C 64 -24.57 13.91 4.41
N MET C 65 -24.20 12.68 4.05
CA MET C 65 -24.76 12.07 2.85
C MET C 65 -25.45 10.76 3.16
N GLN C 66 -26.78 10.77 3.11
CA GLN C 66 -27.59 9.59 3.42
C GLN C 66 -27.73 8.70 2.20
N THR C 67 -27.76 7.39 2.44
CA THR C 67 -28.09 6.43 1.39
C THR C 67 -28.99 5.34 1.94
N SER C 68 -29.53 4.50 1.06
CA SER C 68 -30.38 3.39 1.48
C SER C 68 -29.72 2.07 1.07
N PHE C 69 -29.67 1.12 1.99
CA PHE C 69 -29.08 -0.19 1.72
C PHE C 69 -29.85 -1.27 2.47
N GLY C 70 -30.55 -2.12 1.72
CA GLY C 70 -31.42 -3.10 2.33
C GLY C 70 -32.60 -2.41 3.00
N ASP C 71 -33.00 -1.29 2.41
CA ASP C 71 -34.06 -0.44 2.94
C ASP C 71 -33.74 0.11 4.33
N VAL C 72 -32.46 0.14 4.67
CA VAL C 72 -31.99 0.71 5.92
C VAL C 72 -31.15 1.96 5.67
N PRO C 73 -31.52 3.09 6.31
CA PRO C 73 -30.76 4.32 6.10
C PRO C 73 -29.34 4.21 6.66
N HIS C 74 -28.37 4.71 5.90
CA HIS C 74 -26.98 4.70 6.32
C HIS C 74 -26.29 5.99 5.89
N PHE C 75 -25.70 6.69 6.85
CA PHE C 75 -25.12 8.01 6.60
C PHE C 75 -23.59 7.99 6.48
N GLY C 76 -23.04 9.04 5.87
CA GLY C 76 -21.60 9.22 5.76
C GLY C 76 -21.19 10.68 5.60
N VAL C 77 -19.99 11.02 6.04
CA VAL C 77 -19.46 12.38 5.94
C VAL C 77 -18.48 12.54 4.78
N PHE C 78 -18.79 13.45 3.85
CA PHE C 78 -17.93 13.66 2.68
C PHE C 78 -17.38 15.07 2.62
N CYS C 79 -16.31 15.26 1.84
CA CYS C 79 -15.67 16.56 1.68
C CYS C 79 -16.23 17.32 0.49
N SER C 80 -16.92 18.43 0.77
CA SER C 80 -17.52 19.23 -0.29
C SER C 80 -16.48 20.01 -1.08
N ASP C 81 -15.46 20.51 -0.38
CA ASP C 81 -14.46 21.36 -1.02
C ASP C 81 -13.08 20.71 -1.04
N PHE C 82 -12.27 21.04 -0.04
CA PHE C 82 -10.92 20.54 0.08
C PHE C 82 -10.48 20.45 1.53
N ILE C 83 -9.73 19.41 1.86
CA ILE C 83 -9.15 19.28 3.19
C ILE C 83 -7.65 18.97 3.10
N ALA C 84 -6.83 19.92 3.55
CA ALA C 84 -5.39 19.72 3.55
C ALA C 84 -5.00 18.75 4.64
N LYS C 85 -3.91 18.02 4.40
CA LYS C 85 -3.35 17.12 5.38
C LYS C 85 -2.87 17.93 6.59
N GLY C 86 -3.29 17.53 7.79
CA GLY C 86 -2.91 18.21 9.01
C GLY C 86 -3.99 19.06 9.66
N VAL C 87 -5.21 18.96 9.13
CA VAL C 87 -6.36 19.65 9.71
C VAL C 87 -6.98 18.79 10.81
N ARG C 88 -7.38 19.40 11.93
CA ARG C 88 -7.92 18.66 13.06
C ARG C 88 -9.36 19.02 13.42
N PHE C 89 -10.26 18.05 13.34
CA PHE C 89 -11.61 18.22 13.82
C PHE C 89 -11.78 17.55 15.18
N GLY C 90 -12.74 18.04 15.95
CA GLY C 90 -13.00 17.52 17.28
C GLY C 90 -13.32 18.64 18.24
N PRO C 91 -13.59 18.29 19.51
CA PRO C 91 -13.48 16.93 20.05
C PRO C 91 -14.73 16.07 19.85
N PHE C 92 -14.51 14.77 19.71
CA PHE C 92 -15.59 13.77 19.65
C PHE C 92 -16.50 13.92 20.86
N ARG C 93 -17.81 13.77 20.65
CA ARG C 93 -18.75 13.98 21.74
C ARG C 93 -19.74 12.83 21.87
N GLY C 94 -20.14 12.56 23.11
CA GLY C 94 -21.06 11.48 23.43
C GLY C 94 -21.11 11.18 24.91
N ARG C 95 -21.90 10.18 25.29
CA ARG C 95 -22.02 9.79 26.69
C ARG C 95 -20.73 9.26 27.28
N VAL C 96 -20.65 9.31 28.62
CA VAL C 96 -19.55 8.70 29.33
C VAL C 96 -19.98 7.35 29.91
N VAL C 97 -19.58 6.29 29.23
CA VAL C 97 -19.91 4.94 29.65
C VAL C 97 -18.74 4.31 30.42
N ASN C 98 -18.99 3.85 31.65
CA ASN C 98 -17.94 3.22 32.46
C ASN C 98 -17.49 1.92 31.81
N ALA C 99 -16.19 1.63 31.94
CA ALA C 99 -15.57 0.51 31.23
C ALA C 99 -16.23 -0.82 31.57
N SER C 100 -16.91 -0.85 32.70
CA SER C 100 -17.55 -2.04 33.21
C SER C 100 -18.94 -2.28 32.61
N GLU C 101 -19.54 -1.24 32.04
CA GLU C 101 -20.90 -1.36 31.50
C GLU C 101 -20.94 -1.55 29.99
N VAL C 102 -19.78 -1.72 29.36
CA VAL C 102 -19.73 -2.01 27.92
C VAL C 102 -19.78 -3.50 27.67
N LYS C 103 -20.88 -4.01 27.11
CA LYS C 103 -21.00 -5.45 26.95
C LYS C 103 -20.07 -6.00 25.87
N ALA C 104 -19.71 -7.27 26.00
CA ALA C 104 -18.89 -7.95 25.00
C ALA C 104 -19.78 -8.58 23.95
N HIS C 105 -19.16 -9.15 22.92
CA HIS C 105 -19.87 -9.76 21.79
C HIS C 105 -20.74 -8.72 21.06
N ARG C 106 -20.48 -7.45 21.34
CA ARG C 106 -21.20 -6.34 20.74
C ARG C 106 -20.27 -5.50 19.86
N ASP C 107 -20.85 -4.76 18.94
CA ASP C 107 -20.07 -3.96 18.01
C ASP C 107 -19.53 -2.73 18.72
N ASN C 108 -20.41 -2.02 19.43
CA ASN C 108 -20.08 -0.72 20.00
C ASN C 108 -19.53 0.20 18.92
N SER C 109 -20.35 0.37 17.88
CA SER C 109 -19.95 1.01 16.64
C SER C 109 -19.41 2.43 16.77
N ARG C 110 -19.89 3.20 17.72
CA ARG C 110 -19.57 4.62 17.71
C ARG C 110 -18.86 5.07 18.99
N MET C 111 -18.13 4.16 19.62
CA MET C 111 -17.37 4.46 20.85
C MET C 111 -15.88 4.69 20.63
N TRP C 112 -15.30 5.52 21.48
CA TRP C 112 -13.85 5.66 21.54
C TRP C 112 -13.35 5.38 22.95
N GLU C 113 -12.18 4.76 23.05
CA GLU C 113 -11.56 4.52 24.35
C GLU C 113 -10.83 5.78 24.81
N ILE C 114 -11.21 6.27 25.99
CA ILE C 114 -10.58 7.44 26.59
C ILE C 114 -9.74 7.11 27.82
N PHE C 115 -8.46 7.47 27.76
CA PHE C 115 -7.53 7.14 28.83
C PHE C 115 -7.28 8.30 29.80
N GLU C 116 -7.15 7.99 31.09
CA GLU C 116 -6.75 8.95 32.10
C GLU C 116 -5.76 8.32 33.09
N ASP C 117 -4.70 9.05 33.39
CA ASP C 117 -3.69 8.66 34.37
C ASP C 117 -3.01 7.33 34.08
N GLY C 118 -2.78 7.05 32.80
CA GLY C 118 -2.04 5.87 32.38
C GLY C 118 -2.86 4.62 32.13
N HIS C 119 -4.14 4.65 32.49
CA HIS C 119 -5.03 3.51 32.33
C HIS C 119 -6.28 3.92 31.58
N LEU C 120 -7.00 2.96 31.01
CA LEU C 120 -8.30 3.26 30.41
C LEU C 120 -9.25 3.76 31.48
N SER C 121 -9.80 4.94 31.27
CA SER C 121 -10.74 5.51 32.22
C SER C 121 -12.16 5.06 31.91
N HIS C 122 -12.68 5.60 30.81
CA HIS C 122 -14.03 5.30 30.39
C HIS C 122 -14.12 5.30 28.88
N PHE C 123 -15.27 4.86 28.38
CA PHE C 123 -15.56 4.98 26.96
C PHE C 123 -16.38 6.23 26.70
N ILE C 124 -16.33 6.71 25.47
CA ILE C 124 -17.20 7.80 25.07
C ILE C 124 -18.08 7.30 23.91
N ASP C 125 -19.38 7.22 24.16
CA ASP C 125 -20.30 6.63 23.19
C ASP C 125 -20.94 7.71 22.32
N GLY C 126 -20.64 7.68 21.02
CA GLY C 126 -21.19 8.65 20.11
C GLY C 126 -22.61 8.33 19.67
N LYS C 127 -23.10 7.15 20.09
CA LYS C 127 -24.43 6.71 19.72
C LYS C 127 -25.50 7.63 20.30
N GLY C 128 -26.37 8.14 19.43
CA GLY C 128 -27.48 8.99 19.82
C GLY C 128 -27.10 10.40 20.19
N SER C 129 -25.86 10.79 19.86
CA SER C 129 -25.39 12.14 20.17
C SER C 129 -25.96 13.13 19.18
N GLY C 130 -26.03 12.70 17.92
CA GLY C 130 -26.49 13.57 16.86
C GLY C 130 -25.37 14.47 16.36
N ASN C 131 -24.19 14.34 16.97
CA ASN C 131 -23.01 15.06 16.52
C ASN C 131 -22.43 14.42 15.28
N TRP C 132 -21.96 15.27 14.36
CA TRP C 132 -21.56 14.85 13.02
C TRP C 132 -20.39 13.86 13.03
N MET C 133 -19.51 13.97 14.03
CA MET C 133 -18.32 13.13 14.10
C MET C 133 -18.67 11.66 14.33
N SER C 134 -19.83 11.41 14.91
CA SER C 134 -20.27 10.04 15.16
C SER C 134 -20.80 9.38 13.89
N TYR C 135 -20.75 10.12 12.79
CA TYR C 135 -21.18 9.61 11.49
C TYR C 135 -19.99 9.28 10.60
N VAL C 136 -18.80 9.61 11.07
CA VAL C 136 -17.56 9.29 10.36
C VAL C 136 -17.25 7.81 10.45
N ASN C 137 -17.31 7.12 9.32
CA ASN C 137 -17.07 5.69 9.28
C ASN C 137 -15.59 5.37 9.43
N CYS C 138 -15.29 4.09 9.64
CA CYS C 138 -13.91 3.67 9.85
C CYS C 138 -13.21 3.21 8.56
N ALA C 139 -11.89 3.32 8.54
CA ALA C 139 -11.10 2.83 7.43
C ALA C 139 -10.87 1.33 7.51
N ARG C 140 -11.06 0.63 6.40
CA ARG C 140 -10.92 -0.81 6.40
C ARG C 140 -9.53 -1.21 5.91
N PHE C 141 -8.81 -0.23 5.36
CA PHE C 141 -7.45 -0.43 4.90
C PHE C 141 -6.84 0.95 4.66
N PRO C 142 -5.49 1.04 4.60
CA PRO C 142 -4.87 2.37 4.57
C PRO C 142 -5.19 3.22 3.34
N LYS C 143 -5.37 2.58 2.19
CA LYS C 143 -5.56 3.31 0.95
C LYS C 143 -6.82 4.19 0.94
N GLU C 144 -7.86 3.77 1.63
CA GLU C 144 -9.11 4.53 1.70
C GLU C 144 -9.17 5.43 2.93
N GLN C 145 -8.07 5.50 3.67
CA GLN C 145 -8.03 6.21 4.93
C GLN C 145 -7.50 7.63 4.78
N ASN C 146 -8.30 8.61 5.20
CA ASN C 146 -7.86 9.99 5.16
C ASN C 146 -7.93 10.69 6.51
N LEU C 147 -8.34 9.97 7.55
CA LEU C 147 -8.35 10.53 8.91
C LEU C 147 -7.57 9.69 9.94
N LEU C 148 -7.05 10.35 10.98
CA LEU C 148 -6.43 9.66 12.11
C LEU C 148 -7.13 10.02 13.41
N ALA C 149 -7.62 9.01 14.12
CA ALA C 149 -8.18 9.24 15.45
C ALA C 149 -7.00 9.45 16.40
N VAL C 150 -7.01 10.58 17.08
CA VAL C 150 -5.88 11.00 17.86
C VAL C 150 -6.37 11.46 19.21
N GLN C 151 -5.86 10.84 20.25
CA GLN C 151 -6.26 11.24 21.59
C GLN C 151 -5.27 12.22 22.14
N HIS C 152 -5.78 13.38 22.51
CA HIS C 152 -4.99 14.40 23.19
C HIS C 152 -5.85 14.91 24.33
N GLN C 153 -5.20 15.32 25.42
CA GLN C 153 -5.89 15.62 26.68
C GLN C 153 -6.78 14.45 27.06
N GLY C 154 -8.05 14.73 27.27
CA GLY C 154 -9.01 13.69 27.59
C GLY C 154 -9.92 13.30 26.44
N GLN C 155 -9.73 13.93 25.28
CA GLN C 155 -10.72 13.88 24.21
C GLN C 155 -10.21 13.28 22.91
N ILE C 156 -11.13 12.98 22.00
CA ILE C 156 -10.77 12.42 20.70
C ILE C 156 -10.88 13.44 19.57
N PHE C 157 -9.82 13.58 18.79
CA PHE C 157 -9.85 14.43 17.61
C PHE C 157 -9.49 13.61 16.39
N TYR C 158 -9.99 14.00 15.22
CA TYR C 158 -9.57 13.36 13.99
C TYR C 158 -8.67 14.32 13.20
N GLU C 159 -7.55 13.82 12.72
CA GLU C 159 -6.63 14.63 11.93
C GLU C 159 -6.47 14.03 10.54
N SER C 160 -6.56 14.86 9.50
CA SER C 160 -6.34 14.41 8.13
C SER C 160 -4.88 14.02 7.92
N CYS C 161 -4.66 12.83 7.38
CA CYS C 161 -3.32 12.36 7.09
C CYS C 161 -3.04 12.47 5.58
N ARG C 162 -4.06 12.91 4.85
CA ARG C 162 -3.99 12.92 3.41
C ARG C 162 -4.72 14.15 2.87
N ASP C 163 -4.34 14.65 1.69
CA ASP C 163 -5.20 15.61 1.02
C ASP C 163 -6.50 14.94 0.62
N ILE C 164 -7.61 15.45 1.13
CA ILE C 164 -8.92 14.89 0.79
C ILE C 164 -9.56 15.74 -0.31
N GLN C 165 -9.86 15.12 -1.43
CA GLN C 165 -10.41 15.84 -2.56
C GLN C 165 -11.93 15.79 -2.50
N ARG C 166 -12.58 16.66 -3.27
CA ARG C 166 -14.04 16.74 -3.29
C ARG C 166 -14.70 15.38 -3.54
N ASN C 167 -15.78 15.12 -2.80
CA ASN C 167 -16.59 13.89 -2.88
C ASN C 167 -15.98 12.65 -2.25
N GLN C 168 -14.77 12.75 -1.71
CA GLN C 168 -14.16 11.60 -1.05
C GLN C 168 -14.75 11.46 0.34
N GLU C 169 -15.02 10.22 0.76
CA GLU C 169 -15.61 10.02 2.09
C GLU C 169 -14.58 10.12 3.20
N LEU C 170 -15.01 10.72 4.29
CA LEU C 170 -14.19 10.87 5.48
C LEU C 170 -14.17 9.52 6.20
N LEU C 171 -12.99 8.93 6.30
CA LEU C 171 -12.82 7.60 6.90
C LEU C 171 -11.63 7.60 7.84
N VAL C 172 -11.90 7.25 9.10
CA VAL C 172 -10.91 7.34 10.16
C VAL C 172 -10.44 5.97 10.66
N TRP C 173 -9.19 5.88 11.09
CA TRP C 173 -8.73 4.76 11.91
C TRP C 173 -7.79 5.26 13.00
N TYR C 174 -7.55 4.41 14.01
CA TYR C 174 -6.67 4.74 15.13
C TYR C 174 -5.33 5.28 14.68
N GLY C 175 -5.02 6.49 15.11
CA GLY C 175 -3.84 7.17 14.64
C GLY C 175 -2.58 6.47 15.09
N ASN C 176 -1.44 7.04 14.75
CA ASN C 176 -0.20 6.65 15.37
C ASN C 176 -0.30 6.99 16.84
N GLY C 177 0.59 6.44 17.66
CA GLY C 177 0.41 6.61 19.09
C GLY C 177 -0.52 5.56 19.63
N TYR C 178 -1.17 4.82 18.73
CA TYR C 178 -1.80 3.57 19.12
C TYR C 178 -0.93 2.42 18.59
N GLU C 179 -0.37 1.64 19.51
CA GLU C 179 0.39 0.44 19.17
C GLU C 179 -0.56 -0.63 18.63
N LYS C 180 -0.28 -1.12 17.45
CA LYS C 180 -1.21 -2.02 16.79
C LYS C 180 -0.60 -3.39 16.55
N PHE C 181 -1.46 -4.39 16.45
CA PHE C 181 -1.03 -5.67 15.94
C PHE C 181 -1.90 -6.03 14.75
N LEU C 182 -1.30 -6.04 13.57
CA LEU C 182 -1.98 -6.39 12.33
C LEU C 182 -3.25 -5.56 12.17
N GLY C 183 -3.17 -4.29 12.52
CA GLY C 183 -4.29 -3.39 12.36
C GLY C 183 -5.07 -3.12 13.63
N VAL C 184 -5.24 -4.13 14.47
CA VAL C 184 -5.97 -3.98 15.72
C VAL C 184 -5.10 -3.28 16.77
N PRO C 185 -5.62 -2.22 17.39
CA PRO C 185 -4.86 -1.48 18.40
C PRO C 185 -4.81 -2.15 19.78
N MET C 186 -3.62 -2.20 20.38
CA MET C 186 -3.45 -2.90 21.65
C MET C 186 -3.18 -1.97 22.81
N ASN C 187 -2.55 -0.84 22.55
CA ASN C 187 -2.27 0.10 23.63
C ASN C 187 -1.97 1.49 23.10
N LEU C 188 -2.00 2.47 23.98
CA LEU C 188 -1.69 3.84 23.63
C LEU C 188 -0.28 4.24 24.09
N ARG C 189 0.69 4.14 23.17
CA ARG C 189 2.09 4.50 23.42
C ARG C 189 2.19 5.79 24.25
N VAL C 190 3.11 5.81 25.22
CA VAL C 190 3.15 6.94 26.15
C VAL C 190 3.83 8.15 25.51
N THR C 191 3.24 9.33 25.76
CA THR C 191 3.73 10.60 25.26
C THR C 191 5.02 11.10 25.89
N GLU C 192 5.24 12.40 25.74
CA GLU C 192 6.28 13.13 26.45
C GLU C 192 5.63 14.30 27.16
N GLY C 196 1.42 12.69 28.66
CA GLY C 196 0.08 13.14 28.98
C GLY C 196 -0.82 12.01 29.43
N SER C 197 -1.62 11.48 28.50
CA SER C 197 -2.49 10.36 28.77
C SER C 197 -2.15 9.14 27.89
N SER C 198 -2.14 7.96 28.50
CA SER C 198 -1.78 6.73 27.80
C SER C 198 -2.52 5.54 28.40
N GLY C 199 -2.47 4.40 27.74
CA GLY C 199 -3.16 3.24 28.27
C GLY C 199 -2.89 1.86 27.70
N SER C 200 -3.94 1.05 27.71
CA SER C 200 -3.92 -0.31 27.18
C SER C 200 -5.36 -0.65 26.79
N LEU C 201 -5.51 -1.26 25.62
CA LEU C 201 -6.84 -1.51 25.06
C LEU C 201 -7.28 -2.94 25.28
N PRO C 202 -8.60 -3.15 25.36
CA PRO C 202 -9.10 -4.53 25.35
C PRO C 202 -8.98 -5.13 23.96
N ALA C 203 -8.41 -6.33 23.87
CA ALA C 203 -8.24 -7.01 22.60
C ALA C 203 -9.54 -7.68 22.17
N THR C 204 -9.94 -8.66 22.98
CA THR C 204 -11.06 -9.55 22.69
C THR C 204 -12.45 -8.93 22.66
N CYS C 205 -12.67 -7.88 23.43
CA CYS C 205 -13.97 -7.20 23.42
C CYS C 205 -13.81 -5.70 23.55
N GLY C 206 -14.92 -4.97 23.65
CA GLY C 206 -14.86 -3.51 23.74
C GLY C 206 -15.42 -2.70 22.58
N ALA C 207 -14.77 -1.58 22.28
CA ALA C 207 -15.30 -0.62 21.30
C ALA C 207 -14.95 -0.97 19.86
N ARG C 208 -15.82 -0.56 18.95
CA ARG C 208 -15.61 -0.70 17.50
C ARG C 208 -15.12 -2.08 17.09
N GLN C 209 -15.85 -3.11 17.45
CA GLN C 209 -15.37 -4.46 17.23
C GLN C 209 -15.40 -4.87 15.76
N LEU C 210 -16.48 -4.55 15.05
CA LEU C 210 -16.57 -4.94 13.65
C LEU C 210 -15.52 -4.23 12.81
N SER C 211 -15.28 -2.97 13.11
CA SER C 211 -14.31 -2.18 12.38
C SER C 211 -12.90 -2.75 12.58
N LYS C 212 -12.61 -3.17 13.80
CA LYS C 212 -11.34 -3.78 14.14
C LYS C 212 -11.14 -5.13 13.45
N LEU C 213 -12.22 -5.89 13.31
CA LEU C 213 -12.16 -7.18 12.64
C LEU C 213 -11.82 -7.04 11.15
N LYS C 214 -12.49 -6.11 10.48
CA LYS C 214 -12.24 -5.86 9.07
C LYS C 214 -10.81 -5.40 8.84
N ARG C 215 -10.39 -4.44 9.65
CA ARG C 215 -9.05 -3.89 9.56
C ARG C 215 -8.01 -5.00 9.80
N PHE C 216 -8.37 -5.97 10.64
CA PHE C 216 -7.51 -7.11 10.92
C PHE C 216 -7.41 -8.04 9.71
N LEU C 217 -8.53 -8.28 9.04
CA LEU C 217 -8.56 -9.18 7.90
C LEU C 217 -7.81 -8.60 6.69
N THR C 218 -7.99 -7.31 6.42
CA THR C 218 -7.28 -6.68 5.31
C THR C 218 -5.79 -6.62 5.58
N THR C 219 -5.42 -6.26 6.80
CA THR C 219 -4.02 -6.17 7.12
C THR C 219 -3.38 -7.55 7.02
N LEU C 220 -4.11 -8.56 7.50
CA LEU C 220 -3.66 -9.96 7.39
C LEU C 220 -3.47 -10.38 5.93
N GLN C 221 -4.47 -10.09 5.11
CA GLN C 221 -4.36 -10.36 3.69
C GLN C 221 -3.13 -9.68 3.10
N GLN C 222 -2.94 -8.42 3.45
CA GLN C 222 -1.83 -7.63 2.94
C GLN C 222 -0.52 -8.19 3.43
N PHE C 223 -0.54 -8.66 4.68
CA PHE C 223 0.62 -9.28 5.30
C PHE C 223 1.01 -10.54 4.55
N GLY C 224 0.01 -11.32 4.14
CA GLY C 224 0.26 -12.50 3.33
C GLY C 224 0.94 -12.13 2.01
N ASN C 225 0.38 -11.13 1.32
CA ASN C 225 0.90 -10.71 0.03
C ASN C 225 2.35 -10.25 0.09
N ASP C 226 2.75 -9.69 1.22
CA ASP C 226 4.11 -9.19 1.38
C ASP C 226 5.14 -10.32 1.37
N ILE C 227 4.79 -11.47 1.92
CA ILE C 227 5.69 -12.61 1.95
C ILE C 227 5.84 -13.27 0.59
N SER C 228 4.71 -13.63 0.01
CA SER C 228 4.68 -14.42 -1.20
C SER C 228 3.30 -14.34 -1.85
N PRO C 229 3.25 -14.33 -3.19
CA PRO C 229 1.95 -14.34 -3.88
C PRO C 229 1.09 -15.53 -3.48
N GLU C 230 1.65 -16.73 -3.52
CA GLU C 230 0.92 -17.94 -3.16
C GLU C 230 0.52 -17.91 -1.70
N ILE C 231 1.41 -17.39 -0.85
CA ILE C 231 1.07 -17.31 0.56
C ILE C 231 -0.09 -16.35 0.75
N GLY C 232 -0.03 -15.20 0.05
CA GLY C 232 -1.10 -14.23 0.10
C GLY C 232 -2.38 -14.84 -0.43
N GLU C 233 -2.21 -15.68 -1.44
CA GLU C 233 -3.31 -16.40 -2.06
C GLU C 233 -3.84 -17.51 -1.13
N LYS C 234 -2.94 -18.13 -0.37
CA LYS C 234 -3.32 -19.13 0.63
C LYS C 234 -4.16 -18.50 1.74
N VAL C 235 -3.76 -17.30 2.17
CA VAL C 235 -4.47 -16.58 3.22
C VAL C 235 -5.88 -16.20 2.78
N ARG C 236 -6.01 -15.75 1.54
CA ARG C 236 -7.31 -15.36 0.99
C ARG C 236 -8.33 -16.50 1.07
N THR C 237 -7.88 -17.71 0.78
CA THR C 237 -8.78 -18.85 0.80
C THR C 237 -9.11 -19.21 2.23
N LEU C 238 -8.13 -19.12 3.13
CA LEU C 238 -8.36 -19.47 4.53
C LEU C 238 -9.31 -18.51 5.22
N VAL C 239 -9.23 -17.23 4.85
CA VAL C 239 -10.07 -16.21 5.46
C VAL C 239 -11.50 -16.35 4.94
N LEU C 240 -11.62 -16.61 3.64
CA LEU C 240 -12.93 -16.92 3.07
C LEU C 240 -13.53 -18.13 3.77
N ALA C 241 -12.70 -19.15 3.98
CA ALA C 241 -13.10 -20.37 4.66
C ALA C 241 -13.48 -20.11 6.11
N LEU C 242 -12.85 -19.11 6.71
CA LEU C 242 -13.11 -18.76 8.09
C LEU C 242 -14.49 -18.13 8.26
N VAL C 243 -14.86 -17.23 7.37
CA VAL C 243 -16.15 -16.56 7.44
C VAL C 243 -17.28 -17.53 7.10
N ASN C 244 -16.96 -18.50 6.24
CA ASN C 244 -17.94 -19.50 5.82
C ASN C 244 -17.99 -20.70 6.75
N SER C 245 -17.25 -20.62 7.84
CA SER C 245 -17.26 -21.64 8.89
C SER C 245 -16.87 -23.04 8.42
N THR C 246 -16.30 -23.12 7.21
CA THR C 246 -15.77 -24.38 6.68
C THR C 246 -14.67 -24.89 7.60
N VAL C 247 -13.96 -23.97 8.24
CA VAL C 247 -12.92 -24.31 9.19
C VAL C 247 -13.25 -23.63 10.51
N THR C 248 -13.09 -24.36 11.62
CA THR C 248 -13.32 -23.75 12.92
C THR C 248 -12.19 -22.78 13.24
N ILE C 249 -12.44 -21.87 14.19
CA ILE C 249 -11.52 -20.80 14.52
C ILE C 249 -10.14 -21.32 14.89
N GLU C 250 -10.07 -22.41 15.65
CA GLU C 250 -8.79 -23.00 16.02
C GLU C 250 -8.16 -23.67 14.82
N GLU C 251 -8.97 -24.21 13.92
CA GLU C 251 -8.46 -24.76 12.67
C GLU C 251 -7.87 -23.64 11.82
N PHE C 252 -8.60 -22.53 11.70
CA PHE C 252 -8.08 -21.37 10.99
C PHE C 252 -6.74 -20.92 11.56
N HIS C 253 -6.68 -20.75 12.87
CA HIS C 253 -5.44 -20.38 13.54
C HIS C 253 -4.31 -21.35 13.19
N CYS C 254 -4.61 -22.64 13.20
CA CYS C 254 -3.60 -23.63 12.92
C CYS C 254 -3.15 -23.58 11.47
N LYS C 255 -4.12 -23.68 10.56
CA LYS C 255 -3.83 -23.73 9.14
C LYS C 255 -3.12 -22.47 8.65
N LEU C 256 -3.45 -21.32 9.23
CA LEU C 256 -2.81 -20.06 8.86
C LEU C 256 -1.35 -20.02 9.26
N GLN C 257 -1.08 -20.34 10.53
CA GLN C 257 0.28 -20.36 11.04
C GLN C 257 1.13 -21.34 10.24
N GLU C 258 0.49 -22.40 9.74
CA GLU C 258 1.16 -23.37 8.88
C GLU C 258 1.54 -22.74 7.55
N ALA C 259 0.63 -21.93 6.98
CA ALA C 259 0.80 -21.38 5.63
C ALA C 259 1.73 -20.16 5.59
N THR C 260 1.77 -19.40 6.68
CA THR C 260 2.53 -18.14 6.70
C THR C 260 3.84 -18.28 7.45
N ASN C 261 3.95 -19.36 8.22
CA ASN C 261 5.10 -19.60 9.08
C ASN C 261 5.27 -18.48 10.10
N PHE C 262 4.14 -17.93 10.54
CA PHE C 262 4.17 -16.77 11.43
C PHE C 262 3.15 -16.90 12.55
N PRO C 263 3.63 -16.80 13.81
CA PRO C 263 2.79 -16.92 15.00
C PRO C 263 1.93 -15.68 15.24
N LEU C 264 0.62 -15.90 15.33
CA LEU C 264 -0.29 -14.84 15.74
C LEU C 264 -0.22 -14.64 17.26
N ARG C 265 -0.58 -13.45 17.71
CA ARG C 265 -0.69 -13.20 19.15
C ARG C 265 -1.89 -13.97 19.73
N PRO C 266 -1.81 -14.35 21.00
CA PRO C 266 -2.86 -15.14 21.67
C PRO C 266 -4.24 -14.46 21.71
N PHE C 267 -4.29 -13.13 21.67
CA PHE C 267 -5.57 -12.45 21.76
C PHE C 267 -6.46 -12.73 20.55
N VAL C 268 -5.84 -13.16 19.45
CA VAL C 268 -6.52 -13.23 18.16
C VAL C 268 -7.69 -14.20 18.11
N ILE C 269 -7.47 -15.41 18.64
CA ILE C 269 -8.51 -16.44 18.60
C ILE C 269 -9.82 -16.01 19.31
N PRO C 270 -9.74 -15.54 20.57
CA PRO C 270 -11.02 -15.10 21.17
C PRO C 270 -11.59 -13.87 20.49
N PHE C 271 -10.72 -12.99 20.00
CA PHE C 271 -11.13 -11.80 19.26
C PHE C 271 -11.93 -12.19 18.03
N LEU C 272 -11.50 -13.26 17.38
CA LEU C 272 -12.19 -13.79 16.21
C LEU C 272 -13.48 -14.53 16.57
N LYS C 273 -13.46 -15.29 17.66
CA LYS C 273 -14.65 -16.05 18.06
C LYS C 273 -15.78 -15.11 18.47
N ALA C 274 -15.43 -13.98 19.06
CA ALA C 274 -16.42 -13.05 19.58
C ALA C 274 -17.02 -12.17 18.49
N ASN C 275 -16.23 -11.82 17.49
CA ASN C 275 -16.61 -10.73 16.59
C ASN C 275 -16.87 -11.18 15.15
N LEU C 276 -16.45 -12.39 14.81
CA LEU C 276 -16.78 -12.97 13.51
C LEU C 276 -18.30 -13.01 13.27
N PRO C 277 -19.10 -13.38 14.30
CA PRO C 277 -20.55 -13.32 14.07
C PRO C 277 -21.09 -11.92 13.81
N LEU C 278 -20.25 -10.89 13.93
CA LEU C 278 -20.64 -9.54 13.58
C LEU C 278 -20.47 -9.34 12.08
N LEU C 279 -19.38 -9.87 11.55
CA LEU C 279 -19.07 -9.82 10.12
C LEU C 279 -19.98 -10.69 9.29
N GLN C 280 -20.29 -11.87 9.81
CA GLN C 280 -21.17 -12.81 9.13
C GLN C 280 -22.58 -12.22 9.04
N ARG C 281 -23.05 -11.62 10.13
CA ARG C 281 -24.38 -11.02 10.15
C ARG C 281 -24.49 -9.88 9.13
N GLU C 282 -23.43 -9.10 8.98
CA GLU C 282 -23.44 -7.99 8.03
C GLU C 282 -23.31 -8.49 6.60
N LEU C 283 -22.42 -9.46 6.38
CA LEU C 283 -22.22 -10.07 5.06
C LEU C 283 -23.53 -10.67 4.55
N LEU C 284 -24.20 -11.36 5.46
CA LEU C 284 -25.48 -12.01 5.18
C LEU C 284 -26.55 -11.00 4.83
N HIS C 285 -26.46 -9.82 5.42
CA HIS C 285 -27.45 -8.76 5.24
C HIS C 285 -27.31 -8.07 3.88
N CYS C 286 -27.80 -8.75 2.83
CA CYS C 286 -27.80 -8.18 1.47
C CYS C 286 -29.16 -8.35 0.80
N ALA C 287 -29.71 -7.24 0.30
CA ALA C 287 -31.00 -7.24 -0.36
C ALA C 287 -30.92 -7.77 -1.79
N ARG C 288 -32.08 -8.02 -2.38
CA ARG C 288 -32.19 -8.54 -3.73
C ARG C 288 -32.70 -7.47 -4.70
N VAL D 3 -13.95 1.84 -35.47
CA VAL D 3 -13.90 2.24 -34.07
C VAL D 3 -14.09 1.01 -33.18
N SER D 4 -14.34 -0.14 -33.80
CA SER D 4 -14.60 -1.37 -33.04
C SER D 4 -13.34 -2.18 -32.82
N SER D 5 -13.26 -2.80 -31.65
CA SER D 5 -12.06 -3.50 -31.24
C SER D 5 -12.36 -4.96 -30.94
N VAL D 6 -13.57 -5.21 -30.43
CA VAL D 6 -13.99 -6.56 -30.09
C VAL D 6 -14.06 -7.41 -31.37
N PRO D 7 -13.50 -8.63 -31.31
CA PRO D 7 -13.54 -9.57 -32.45
C PRO D 7 -14.90 -10.23 -32.63
N THR D 8 -15.05 -10.98 -33.72
CA THR D 8 -16.31 -11.64 -34.04
C THR D 8 -16.10 -13.03 -34.62
N LYS D 9 -17.17 -13.83 -34.60
CA LYS D 9 -17.19 -15.19 -35.11
C LYS D 9 -16.08 -16.05 -34.51
N LEU D 10 -16.00 -16.07 -33.18
CA LEU D 10 -15.05 -16.95 -32.48
C LEU D 10 -15.60 -18.36 -32.42
N GLU D 11 -14.87 -19.32 -33.00
CA GLU D 11 -15.37 -20.69 -33.06
C GLU D 11 -14.35 -21.69 -32.53
N VAL D 12 -14.85 -22.64 -31.73
CA VAL D 12 -14.03 -23.64 -31.05
C VAL D 12 -14.26 -25.08 -31.49
N VAL D 13 -13.18 -25.79 -31.82
CA VAL D 13 -13.27 -27.21 -32.16
C VAL D 13 -12.30 -28.08 -31.36
N ALA D 14 -12.78 -29.20 -30.83
CA ALA D 14 -11.92 -30.17 -30.16
C ALA D 14 -11.00 -30.91 -31.16
N ALA D 15 -9.74 -31.09 -30.79
CA ALA D 15 -8.78 -31.76 -31.66
C ALA D 15 -8.27 -33.04 -31.00
N THR D 16 -7.84 -32.94 -29.76
CA THR D 16 -7.70 -34.09 -28.88
C THR D 16 -8.64 -33.84 -27.68
N PRO D 17 -8.99 -34.87 -26.88
CA PRO D 17 -9.79 -34.63 -25.68
C PRO D 17 -9.23 -33.56 -24.73
N THR D 18 -8.01 -33.06 -25.00
CA THR D 18 -7.37 -32.09 -24.13
C THR D 18 -6.91 -30.82 -24.84
N SER D 19 -7.22 -30.69 -26.12
CA SER D 19 -6.78 -29.52 -26.86
C SER D 19 -7.80 -29.01 -27.87
N LEU D 20 -7.93 -27.69 -27.99
CA LEU D 20 -8.87 -27.10 -28.94
C LEU D 20 -8.18 -26.30 -30.01
N LEU D 21 -8.81 -26.26 -31.18
CA LEU D 21 -8.45 -25.34 -32.25
C LEU D 21 -9.52 -24.28 -32.28
N ILE D 22 -9.13 -23.03 -31.97
CA ILE D 22 -10.09 -21.94 -32.00
C ILE D 22 -9.79 -21.00 -33.17
N SER D 23 -10.84 -20.35 -33.66
CA SER D 23 -10.75 -19.42 -34.76
C SER D 23 -11.64 -18.20 -34.54
N TRP D 24 -11.22 -17.07 -35.10
CA TRP D 24 -12.04 -15.87 -35.09
C TRP D 24 -11.67 -15.08 -36.32
N ASP D 25 -12.41 -14.02 -36.62
CA ASP D 25 -11.96 -13.11 -37.69
C ASP D 25 -11.79 -11.71 -37.11
N ALA D 26 -10.74 -11.04 -37.56
CA ALA D 26 -10.31 -9.75 -37.05
C ALA D 26 -11.38 -8.66 -36.98
N PRO D 27 -11.18 -7.69 -36.07
CA PRO D 27 -12.08 -6.55 -35.96
C PRO D 27 -11.63 -5.42 -36.87
N ALA D 28 -12.42 -4.35 -36.92
CA ALA D 28 -12.13 -3.20 -37.78
C ALA D 28 -10.71 -2.67 -37.58
N VAL D 29 -10.38 -2.34 -36.33
CA VAL D 29 -9.11 -1.73 -35.97
C VAL D 29 -7.89 -2.54 -36.41
N THR D 30 -6.74 -1.88 -36.50
CA THR D 30 -5.48 -2.56 -36.77
C THR D 30 -4.92 -3.12 -35.48
N VAL D 31 -4.69 -4.42 -35.46
CA VAL D 31 -4.38 -5.13 -34.23
C VAL D 31 -2.89 -5.48 -34.11
N ASP D 32 -2.35 -5.32 -32.92
CA ASP D 32 -0.98 -5.72 -32.64
C ASP D 32 -0.94 -7.15 -32.13
N LEU D 33 -1.64 -7.36 -31.01
CA LEU D 33 -1.75 -8.67 -30.40
C LEU D 33 -3.21 -9.05 -30.25
N TYR D 34 -3.47 -10.34 -30.30
CA TYR D 34 -4.69 -10.89 -29.74
C TYR D 34 -4.30 -11.62 -28.47
N PHE D 35 -4.96 -11.31 -27.37
CA PHE D 35 -4.89 -12.15 -26.19
C PHE D 35 -5.89 -13.30 -26.34
N ILE D 36 -5.45 -14.51 -26.05
CA ILE D 36 -6.39 -15.61 -25.94
C ILE D 36 -6.38 -16.03 -24.49
N THR D 37 -7.57 -16.26 -23.95
CA THR D 37 -7.72 -16.52 -22.54
C THR D 37 -8.62 -17.73 -22.32
N TYR D 38 -8.16 -18.66 -21.49
CA TYR D 38 -8.99 -19.83 -21.17
C TYR D 38 -8.89 -20.18 -19.70
N GLY D 39 -9.99 -20.68 -19.14
CA GLY D 39 -10.02 -21.04 -17.73
C GLY D 39 -11.35 -21.69 -17.41
N GLU D 40 -11.38 -22.52 -16.36
CA GLU D 40 -12.60 -23.28 -16.05
C GLU D 40 -13.78 -22.39 -15.76
N THR D 41 -14.89 -22.65 -16.45
CA THR D 41 -16.13 -21.93 -16.22
C THR D 41 -16.58 -22.19 -14.79
N GLY D 42 -16.92 -21.12 -14.08
CA GLY D 42 -17.42 -21.21 -12.73
C GLY D 42 -16.49 -22.01 -11.83
N GLY D 43 -15.20 -21.89 -12.12
CA GLY D 43 -14.19 -22.59 -11.37
C GLY D 43 -13.32 -21.60 -10.63
N ASN D 44 -12.90 -22.00 -9.44
CA ASN D 44 -12.00 -21.18 -8.64
C ASN D 44 -10.59 -21.20 -9.23
N SER D 45 -10.40 -22.06 -10.22
CA SER D 45 -9.14 -22.14 -10.96
C SER D 45 -8.77 -20.81 -11.60
N PRO D 46 -7.46 -20.52 -11.66
CA PRO D 46 -7.00 -19.29 -12.31
C PRO D 46 -7.21 -19.30 -13.82
N VAL D 47 -7.26 -18.12 -14.43
CA VAL D 47 -7.43 -18.03 -15.87
C VAL D 47 -6.10 -17.80 -16.56
N GLN D 48 -5.78 -18.65 -17.53
CA GLN D 48 -4.53 -18.54 -18.28
C GLN D 48 -4.66 -17.73 -19.56
N LYS D 49 -3.58 -17.07 -19.97
CA LYS D 49 -3.61 -16.28 -21.21
C LYS D 49 -2.28 -16.20 -21.95
N PHE D 50 -2.35 -16.40 -23.26
CA PHE D 50 -1.19 -16.25 -24.13
C PHE D 50 -1.56 -15.30 -25.25
N THR D 51 -0.63 -15.06 -26.17
CA THR D 51 -0.88 -14.10 -27.24
C THR D 51 -0.52 -14.69 -28.59
N VAL D 52 -1.27 -14.27 -29.61
CA VAL D 52 -0.88 -14.48 -30.99
C VAL D 52 -0.90 -13.12 -31.72
N PRO D 53 0.03 -12.91 -32.65
CA PRO D 53 0.14 -11.65 -33.40
C PRO D 53 -1.07 -11.36 -34.29
N GLY D 54 -1.20 -10.10 -34.70
CA GLY D 54 -2.31 -9.66 -35.54
C GLY D 54 -2.38 -10.39 -36.86
N SER D 55 -1.26 -10.93 -37.30
CA SER D 55 -1.19 -11.75 -38.50
C SER D 55 -2.11 -12.95 -38.38
N LYS D 56 -2.15 -13.54 -37.19
CA LYS D 56 -2.89 -14.78 -36.95
C LYS D 56 -4.32 -14.52 -36.48
N SER D 57 -5.25 -15.36 -36.93
CA SER D 57 -6.64 -15.29 -36.49
C SER D 57 -7.08 -16.65 -35.96
N THR D 58 -6.12 -17.49 -35.62
CA THR D 58 -6.36 -18.82 -35.05
C THR D 58 -5.28 -19.19 -34.06
N ALA D 59 -5.65 -19.98 -33.06
CA ALA D 59 -4.72 -20.50 -32.07
C ALA D 59 -5.16 -21.90 -31.63
N THR D 60 -4.26 -22.63 -30.99
CA THR D 60 -4.61 -23.93 -30.44
C THR D 60 -4.38 -23.92 -28.93
N ILE D 61 -5.41 -24.21 -28.15
CA ILE D 61 -5.29 -24.27 -26.70
C ILE D 61 -5.03 -25.71 -26.27
N SER D 62 -4.15 -25.92 -25.31
CA SER D 62 -3.73 -27.28 -25.00
C SER D 62 -3.65 -27.60 -23.50
N GLY D 63 -3.62 -28.88 -23.17
CA GLY D 63 -3.47 -29.32 -21.80
C GLY D 63 -4.72 -29.14 -20.95
N LEU D 64 -5.88 -29.17 -21.60
CA LEU D 64 -7.14 -29.01 -20.88
C LEU D 64 -7.62 -30.29 -20.23
N LYS D 65 -8.49 -30.11 -19.24
CA LYS D 65 -9.18 -31.23 -18.60
C LYS D 65 -10.28 -31.72 -19.55
N PRO D 66 -10.28 -33.01 -19.88
CA PRO D 66 -11.31 -33.57 -20.74
C PRO D 66 -12.65 -33.62 -20.03
N GLY D 67 -13.69 -33.08 -20.67
CA GLY D 67 -15.02 -33.15 -20.08
C GLY D 67 -15.39 -31.83 -19.44
N VAL D 68 -14.40 -31.20 -18.82
CA VAL D 68 -14.60 -29.93 -18.14
C VAL D 68 -14.79 -28.85 -19.18
N ASP D 69 -15.73 -27.95 -18.95
CA ASP D 69 -15.88 -26.85 -19.88
C ASP D 69 -15.13 -25.62 -19.43
N TYR D 70 -14.51 -24.99 -20.41
CA TYR D 70 -13.69 -23.81 -20.21
C TYR D 70 -14.39 -22.61 -20.82
N THR D 71 -14.06 -21.43 -20.30
CA THR D 71 -14.46 -20.21 -20.95
C THR D 71 -13.29 -19.68 -21.75
N ILE D 72 -13.41 -19.72 -23.07
CA ILE D 72 -12.37 -19.18 -23.92
C ILE D 72 -12.70 -17.74 -24.28
N THR D 73 -11.70 -16.87 -24.30
CA THR D 73 -11.94 -15.47 -24.60
C THR D 73 -10.81 -14.91 -25.45
N VAL D 74 -11.19 -14.09 -26.43
CA VAL D 74 -10.20 -13.44 -27.26
C VAL D 74 -10.50 -11.95 -27.29
N TYR D 75 -9.46 -11.13 -27.21
CA TYR D 75 -9.61 -9.69 -27.40
C TYR D 75 -8.33 -9.08 -27.96
N ALA D 76 -8.46 -7.91 -28.58
CA ALA D 76 -7.37 -7.34 -29.35
C ALA D 76 -6.61 -6.27 -28.58
N GLN D 77 -5.31 -6.18 -28.82
CA GLN D 77 -4.52 -5.07 -28.30
C GLN D 77 -4.15 -4.20 -29.50
N TYR D 78 -4.46 -2.91 -29.44
CA TYR D 78 -4.23 -2.01 -30.57
C TYR D 78 -3.64 -0.70 -30.10
N TYR D 79 -3.29 0.15 -31.06
CA TYR D 79 -2.88 1.50 -30.72
C TYR D 79 -3.82 2.52 -31.36
N TYR D 80 -4.39 3.39 -30.54
CA TYR D 80 -5.21 4.49 -31.03
C TYR D 80 -5.15 5.63 -30.02
N ARG D 81 -4.19 6.54 -30.22
CA ARG D 81 -3.92 7.64 -29.32
C ARG D 81 -3.71 7.09 -27.92
N GLY D 82 -2.80 6.11 -27.83
CA GLY D 82 -2.56 5.38 -26.60
C GLY D 82 -2.71 3.88 -26.82
N TRP D 83 -1.97 3.07 -26.04
CA TRP D 83 -2.15 1.61 -26.09
C TRP D 83 -3.37 1.16 -25.29
N TYR D 84 -4.27 0.45 -25.95
CA TYR D 84 -5.48 -0.04 -25.30
C TYR D 84 -5.68 -1.54 -25.56
N VAL D 85 -6.35 -2.24 -24.62
CA VAL D 85 -6.85 -3.60 -24.90
C VAL D 85 -8.35 -3.53 -24.98
N GLY D 86 -8.89 -4.07 -26.07
CA GLY D 86 -10.31 -3.93 -26.40
C GLY D 86 -11.23 -4.75 -25.50
N SER D 87 -12.46 -4.92 -25.96
CA SER D 87 -13.39 -5.76 -25.24
C SER D 87 -13.37 -7.12 -25.92
N PRO D 88 -13.69 -8.18 -25.16
CA PRO D 88 -13.51 -9.56 -25.62
C PRO D 88 -14.75 -10.21 -26.22
N ILE D 89 -14.51 -11.26 -27.00
CA ILE D 89 -15.55 -12.17 -27.43
C ILE D 89 -15.40 -13.45 -26.61
N SER D 90 -16.51 -14.07 -26.22
CA SER D 90 -16.45 -15.28 -25.39
C SER D 90 -17.32 -16.43 -25.88
N ILE D 91 -16.89 -17.63 -25.52
CA ILE D 91 -17.62 -18.85 -25.81
C ILE D 91 -17.25 -19.83 -24.71
N ASN D 92 -18.15 -20.75 -24.36
CA ASN D 92 -17.82 -21.82 -23.43
C ASN D 92 -17.82 -23.14 -24.17
N TYR D 93 -16.89 -24.04 -23.86
CA TYR D 93 -16.82 -25.27 -24.62
C TYR D 93 -16.17 -26.40 -23.83
N ARG D 94 -16.86 -27.53 -23.74
CA ARG D 94 -16.32 -28.71 -23.08
C ARG D 94 -15.84 -29.72 -24.09
N THR D 95 -14.55 -30.01 -24.04
CA THR D 95 -13.93 -30.94 -24.98
C THR D 95 -14.44 -32.37 -24.79
#